data_4AOR
#
_entry.id   4AOR
#
_cell.length_a   49.350
_cell.length_b   66.820
_cell.length_c   108.890
_cell.angle_alpha   90.00
_cell.angle_beta   90.17
_cell.angle_gamma   90.00
#
_symmetry.space_group_name_H-M   'P 1 21 1'
#
loop_
_entity.id
_entity.type
_entity.pdbx_description
1 polymer 'CATIONIC TRYPSIN'
2 polymer 'TRYPSIN INHIBITOR 3'
3 non-polymer GLYCEROL
4 non-polymer 'CHLORIDE ION'
5 non-polymer IMIDAZOLE
6 non-polymer 'CALCIUM ION'
7 non-polymer '2-(N-MORPHOLINO)-ETHANESULFONIC ACID'
8 water water
#
loop_
_entity_poly.entity_id
_entity_poly.type
_entity_poly.pdbx_seq_one_letter_code
_entity_poly.pdbx_strand_id
1 'polypeptide(L)'
;IVGGYTCGANTVPYQVSLNSGYHFCGGSLINSQWVVSAAHCYKSGIQVRLGEDNINVVEGNEQFISASKSIVHPSYNSNT
LNNDIMLIKLKSAASLNSRVASISLPTSCASAGTQCLISGWGNTKSSGTSYPDVLKCLKAPILSDSSCKSAYPGQITSNM
FCAGYLEGGKDSCQGDSGGPVVCSGKLQGIVSWGSGCAQKNKPGVYTKVCNYVSWIKQTIASN
;
A,B,C
2 'polypeptide(L)' EDKCSPSGAICSGFGPPEQCCSGACVPHPILRIFVCQ D,E,F
#
loop_
_chem_comp.id
_chem_comp.type
_chem_comp.name
_chem_comp.formula
CA non-polymer 'CALCIUM ION' 'Ca 2'
CL non-polymer 'CHLORIDE ION' 'Cl -1'
GOL non-polymer GLYCEROL 'C3 H8 O3'
IMD non-polymer IMIDAZOLE 'C3 H5 N2 1'
MES non-polymer '2-(N-MORPHOLINO)-ETHANESULFONIC ACID' 'C6 H13 N O4 S'
#
# COMPACT_ATOMS: atom_id res chain seq x y z
N ILE A 1 -16.36 -20.28 -8.27
CA ILE A 1 -16.34 -21.48 -7.42
C ILE A 1 -15.75 -22.65 -8.22
N VAL A 2 -14.67 -23.25 -7.72
CA VAL A 2 -14.02 -24.41 -8.34
C VAL A 2 -14.41 -25.69 -7.56
N GLY A 3 -14.81 -26.73 -8.29
CA GLY A 3 -15.15 -28.01 -7.69
C GLY A 3 -16.47 -28.06 -6.92
N GLY A 4 -17.37 -27.12 -7.24
CA GLY A 4 -18.67 -27.04 -6.63
C GLY A 4 -19.76 -27.61 -7.51
N TYR A 5 -21.01 -27.25 -7.25
CA TYR A 5 -22.14 -27.76 -8.02
C TYR A 5 -23.10 -26.63 -8.39
N THR A 6 -23.92 -26.87 -9.40
CA THR A 6 -24.95 -25.90 -9.74
C THR A 6 -25.97 -25.79 -8.59
N CYS A 7 -26.16 -24.57 -8.06
CA CYS A 7 -27.06 -24.36 -6.90
C CYS A 7 -28.49 -24.77 -7.18
N GLY A 8 -28.98 -24.34 -8.33
CA GLY A 8 -30.38 -24.38 -8.66
C GLY A 8 -30.89 -22.95 -8.60
N ALA A 9 -31.80 -22.60 -9.50
CA ALA A 9 -32.29 -21.23 -9.61
C ALA A 9 -32.87 -20.70 -8.29
N ASN A 10 -32.33 -19.58 -7.82
CA ASN A 10 -32.81 -18.86 -6.63
C ASN A 10 -32.84 -19.67 -5.33
N THR A 11 -32.06 -20.74 -5.28
CA THR A 11 -31.94 -21.52 -4.04
C THR A 11 -31.04 -20.86 -2.98
N VAL A 12 -30.36 -19.78 -3.38
CA VAL A 12 -29.51 -18.98 -2.51
C VAL A 12 -30.02 -17.53 -2.63
N PRO A 13 -31.17 -17.25 -2.02
CA PRO A 13 -31.92 -16.05 -2.39
C PRO A 13 -31.33 -14.75 -1.86
N TYR A 14 -30.32 -14.88 -1.00
CA TYR A 14 -29.61 -13.73 -0.45
C TYR A 14 -28.36 -13.38 -1.27
N GLN A 15 -28.01 -14.24 -2.24
CA GLN A 15 -26.84 -13.97 -3.09
C GLN A 15 -27.14 -12.87 -4.08
N VAL A 16 -26.29 -11.86 -4.10
CA VAL A 16 -26.45 -10.77 -5.10
C VAL A 16 -25.19 -10.66 -5.94
N SER A 17 -25.31 -10.04 -7.10
CA SER A 17 -24.16 -9.73 -7.93
C SER A 17 -23.95 -8.23 -7.89
N LEU A 18 -22.73 -7.78 -7.62
CA LEU A 18 -22.35 -6.39 -7.78
C LEU A 18 -21.89 -6.18 -9.23
N ASN A 19 -22.50 -5.21 -9.91
CA ASN A 19 -22.37 -5.07 -11.35
C ASN A 19 -21.95 -3.64 -11.70
N SER A 20 -21.06 -3.52 -12.68
CA SER A 20 -20.65 -2.22 -13.21
C SER A 20 -20.53 -2.44 -14.69
N GLY A 21 -21.68 -2.58 -15.37
CA GLY A 21 -21.72 -3.09 -16.72
C GLY A 21 -21.77 -4.60 -16.63
N TYR A 22 -20.71 -5.17 -16.06
CA TYR A 22 -20.62 -6.61 -15.87
C TYR A 22 -20.46 -6.97 -14.40
N HIS A 23 -20.82 -8.20 -14.04
CA HIS A 23 -20.57 -8.76 -12.71
C HIS A 23 -19.10 -8.62 -12.33
N PHE A 24 -18.81 -8.18 -11.11
CA PHE A 24 -17.41 -8.14 -10.68
C PHE A 24 -17.19 -8.63 -9.24
N CYS A 25 -18.26 -8.72 -8.45
CA CYS A 25 -18.13 -9.21 -7.07
C CYS A 25 -19.45 -9.77 -6.61
N GLY A 26 -19.42 -10.66 -5.64
CA GLY A 26 -20.65 -11.08 -5.01
C GLY A 26 -20.97 -10.23 -3.78
N GLY A 27 -22.10 -10.54 -3.15
CA GLY A 27 -22.51 -9.91 -1.92
C GLY A 27 -23.69 -10.66 -1.35
N SER A 28 -24.07 -10.26 -0.14
CA SER A 28 -25.16 -10.93 0.59
C SER A 28 -26.19 -9.92 1.02
N LEU A 29 -27.46 -10.20 0.73
CA LEU A 29 -28.54 -9.32 1.15
C LEU A 29 -28.90 -9.54 2.63
N ILE A 30 -28.75 -8.50 3.45
CA ILE A 30 -28.99 -8.68 4.90
C ILE A 30 -30.30 -8.00 5.42
N ASN A 31 -30.83 -7.10 4.63
CA ASN A 31 -32.23 -6.67 4.77
C ASN A 31 -32.68 -6.09 3.44
N SER A 32 -33.90 -5.56 3.37
CA SER A 32 -34.38 -5.07 2.08
C SER A 32 -33.55 -3.93 1.48
N GLN A 33 -32.71 -3.25 2.29
CA GLN A 33 -31.99 -2.08 1.77
C GLN A 33 -30.46 -2.18 1.83
N TRP A 34 -29.94 -3.28 2.35
CA TRP A 34 -28.49 -3.37 2.62
C TRP A 34 -27.86 -4.68 2.20
N VAL A 35 -26.65 -4.56 1.65
CA VAL A 35 -25.85 -5.69 1.18
C VAL A 35 -24.49 -5.65 1.86
N VAL A 36 -24.02 -6.81 2.30
CA VAL A 36 -22.66 -7.03 2.79
C VAL A 36 -21.74 -7.56 1.68
N SER A 37 -20.57 -6.96 1.51
CA SER A 37 -19.60 -7.43 0.52
C SER A 37 -18.17 -7.21 1.07
N ALA A 38 -17.14 -7.37 0.24
CA ALA A 38 -15.75 -7.18 0.67
C ALA A 38 -15.34 -5.72 0.47
N ALA A 39 -14.55 -5.17 1.40
CA ALA A 39 -13.99 -3.83 1.23
C ALA A 39 -13.22 -3.72 -0.10
N HIS A 40 -12.53 -4.79 -0.51
CA HIS A 40 -11.77 -4.69 -1.77
C HIS A 40 -12.60 -4.69 -3.04
N CYS A 41 -13.91 -4.89 -2.90
CA CYS A 41 -14.87 -4.72 -3.99
C CYS A 41 -15.35 -3.27 -4.17
N TYR A 42 -14.85 -2.35 -3.34
CA TYR A 42 -15.30 -0.95 -3.40
C TYR A 42 -14.90 -0.23 -4.69
N LYS A 43 -15.89 0.39 -5.33
CA LYS A 43 -15.69 1.28 -6.48
C LYS A 43 -16.99 2.04 -6.62
N SER A 44 -16.96 3.14 -7.34
CA SER A 44 -18.21 3.86 -7.61
C SER A 44 -19.03 3.23 -8.74
N GLY A 45 -20.30 3.61 -8.83
CA GLY A 45 -21.14 3.22 -9.95
C GLY A 45 -21.61 1.77 -9.87
N ILE A 46 -21.84 1.28 -8.67
CA ILE A 46 -22.30 -0.10 -8.51
C ILE A 46 -23.83 -0.23 -8.67
N GLN A 47 -24.23 -1.26 -9.42
CA GLN A 47 -25.61 -1.71 -9.46
C GLN A 47 -25.69 -3.07 -8.79
N VAL A 48 -26.65 -3.25 -7.91
CA VAL A 48 -26.83 -4.56 -7.27
C VAL A 48 -27.84 -5.33 -8.06
N ARG A 49 -27.50 -6.57 -8.36
CA ARG A 49 -28.45 -7.44 -9.05
C ARG A 49 -28.89 -8.59 -8.17
N LEU A 50 -30.19 -8.58 -7.85
CA LEU A 50 -30.81 -9.55 -6.94
C LEU A 50 -31.61 -10.54 -7.74
N GLY A 51 -31.85 -11.73 -7.18
CA GLY A 51 -32.68 -12.71 -7.86
C GLY A 51 -32.08 -13.30 -9.11
N GLU A 52 -30.76 -13.19 -9.26
CA GLU A 52 -30.07 -13.75 -10.40
C GLU A 52 -29.83 -15.25 -10.26
N ASP A 53 -29.98 -15.98 -11.36
CA ASP A 53 -29.39 -17.30 -11.47
C ASP A 53 -28.38 -17.31 -12.63
N ASN A 54 -28.87 -17.34 -13.86
CA ASN A 54 -27.98 -17.19 -14.99
C ASN A 54 -27.65 -15.75 -15.14
N ILE A 55 -26.41 -15.35 -14.91
CA ILE A 55 -26.02 -13.95 -14.85
C ILE A 55 -26.01 -13.26 -16.24
N ASN A 56 -26.08 -14.06 -17.31
CA ASN A 56 -26.03 -13.54 -18.68
C ASN A 56 -27.38 -13.37 -19.36
N VAL A 57 -28.40 -14.03 -18.84
CA VAL A 57 -29.70 -14.20 -19.49
C VAL A 57 -30.83 -13.75 -18.58
N VAL A 58 -31.79 -12.96 -19.06
CA VAL A 58 -32.89 -12.54 -18.21
C VAL A 58 -33.88 -13.68 -18.04
N GLU A 59 -34.14 -14.06 -16.79
CA GLU A 59 -35.00 -15.22 -16.52
C GLU A 59 -36.29 -14.85 -15.83
N GLY A 60 -36.34 -13.62 -15.30
CA GLY A 60 -37.58 -13.08 -14.80
C GLY A 60 -37.66 -12.80 -13.32
N ASN A 61 -36.66 -13.24 -12.56
CA ASN A 61 -36.71 -12.97 -11.13
C ASN A 61 -35.73 -11.89 -10.67
N GLU A 62 -35.05 -11.25 -11.62
CA GLU A 62 -34.05 -10.23 -11.30
C GLU A 62 -34.66 -8.93 -10.81
N GLN A 63 -33.98 -8.30 -9.85
CA GLN A 63 -34.20 -6.89 -9.56
C GLN A 63 -32.87 -6.17 -9.72
N PHE A 64 -32.92 -5.03 -10.40
CA PHE A 64 -31.70 -4.26 -10.65
C PHE A 64 -31.80 -2.92 -9.90
N ILE A 65 -30.98 -2.75 -8.86
CA ILE A 65 -31.11 -1.56 -8.02
C ILE A 65 -29.73 -0.88 -7.84
N SER A 66 -29.66 0.41 -8.10
CA SER A 66 -28.39 1.11 -7.94
C SER A 66 -28.01 1.17 -6.49
N ALA A 67 -26.71 1.12 -6.20
CA ALA A 67 -26.23 1.45 -4.87
C ALA A 67 -26.31 2.97 -4.66
N SER A 68 -26.77 3.37 -3.49
CA SER A 68 -26.77 4.79 -3.12
C SER A 68 -25.61 5.15 -2.19
N LYS A 69 -25.17 4.19 -1.37
CA LYS A 69 -24.01 4.40 -0.50
C LYS A 69 -23.17 3.15 -0.48
N SER A 70 -21.86 3.32 -0.40
CA SER A 70 -20.94 2.19 -0.21
C SER A 70 -20.05 2.57 0.97
N ILE A 71 -20.06 1.76 2.02
CA ILE A 71 -19.38 2.16 3.25
C ILE A 71 -18.36 1.09 3.62
N VAL A 72 -17.10 1.39 3.33
CA VAL A 72 -16.01 0.47 3.66
C VAL A 72 -15.72 0.54 5.16
N HIS A 73 -15.35 -0.59 5.77
CA HIS A 73 -15.02 -0.54 7.19
C HIS A 73 -13.91 0.49 7.42
N PRO A 74 -14.08 1.35 8.45
CA PRO A 74 -13.12 2.45 8.68
C PRO A 74 -11.70 1.99 9.03
N SER A 75 -11.54 0.73 9.43
CA SER A 75 -10.20 0.19 9.68
C SER A 75 -9.74 -0.83 8.63
N TYR A 76 -10.39 -0.88 7.48
CA TYR A 76 -9.90 -1.72 6.39
C TYR A 76 -8.43 -1.43 6.11
N ASN A 77 -7.62 -2.49 6.12
CA ASN A 77 -6.18 -2.39 5.91
C ASN A 77 -5.90 -3.13 4.61
N SER A 78 -5.65 -2.39 3.55
CA SER A 78 -5.44 -3.03 2.27
C SER A 78 -4.09 -3.75 2.20
N ASN A 79 -3.21 -3.50 3.16
CA ASN A 79 -1.92 -4.20 3.15
C ASN A 79 -2.05 -5.61 3.71
N THR A 80 -2.85 -5.77 4.77
CA THR A 80 -2.94 -7.04 5.47
C THR A 80 -4.28 -7.72 5.19
N LEU A 81 -5.19 -6.98 4.55
CA LEU A 81 -6.57 -7.40 4.27
C LEU A 81 -7.46 -7.55 5.51
N ASN A 82 -6.96 -7.05 6.64
CA ASN A 82 -7.76 -7.00 7.84
C ASN A 82 -8.98 -6.09 7.69
N ASN A 83 -10.11 -6.52 8.23
CA ASN A 83 -11.35 -5.73 8.18
C ASN A 83 -11.89 -5.56 6.75
N ASP A 84 -11.84 -6.66 5.98
CA ASP A 84 -12.21 -6.64 4.57
C ASP A 84 -13.70 -6.84 4.43
N ILE A 85 -14.41 -5.76 4.71
CA ILE A 85 -15.86 -5.76 4.72
C ILE A 85 -16.41 -4.39 4.32
N MET A 86 -17.48 -4.41 3.55
CA MET A 86 -18.16 -3.19 3.11
C MET A 86 -19.67 -3.38 3.17
N LEU A 87 -20.38 -2.30 3.49
CA LEU A 87 -21.84 -2.29 3.39
C LEU A 87 -22.29 -1.40 2.23
N ILE A 88 -23.24 -1.93 1.45
CA ILE A 88 -23.83 -1.18 0.37
C ILE A 88 -25.31 -0.96 0.66
N LYS A 89 -25.74 0.30 0.56
CA LYS A 89 -27.17 0.64 0.71
C LYS A 89 -27.80 0.69 -0.66
N LEU A 90 -28.97 0.08 -0.82
CA LEU A 90 -29.73 0.17 -2.06
C LEU A 90 -30.48 1.50 -2.18
N LYS A 91 -30.56 2.04 -3.39
CA LYS A 91 -31.25 3.33 -3.61
C LYS A 91 -32.72 3.19 -3.25
N SER A 92 -33.29 2.00 -3.48
CA SER A 92 -34.67 1.72 -3.10
C SER A 92 -34.70 0.32 -2.53
N ALA A 93 -35.65 0.03 -1.66
CA ALA A 93 -35.71 -1.28 -1.03
C ALA A 93 -36.01 -2.35 -2.06
N ALA A 94 -35.34 -3.49 -1.95
CA ALA A 94 -35.72 -4.64 -2.77
C ALA A 94 -37.08 -5.17 -2.36
N SER A 95 -37.77 -5.78 -3.32
CA SER A 95 -39.01 -6.51 -3.02
C SER A 95 -38.66 -7.90 -2.57
N LEU A 96 -38.90 -8.20 -1.30
CA LEU A 96 -38.55 -9.51 -0.79
C LEU A 96 -39.62 -10.52 -1.16
N ASN A 97 -39.18 -11.71 -1.51
CA ASN A 97 -40.08 -12.77 -1.91
C ASN A 97 -39.34 -14.09 -1.75
N SER A 98 -39.86 -15.20 -2.26
CA SER A 98 -39.17 -16.47 -2.02
C SER A 98 -37.81 -16.53 -2.69
N ARG A 99 -37.62 -15.74 -3.73
CA ARG A 99 -36.39 -15.83 -4.52
C ARG A 99 -35.41 -14.72 -4.22
N VAL A 100 -35.86 -13.72 -3.46
CA VAL A 100 -35.02 -12.62 -3.05
C VAL A 100 -35.27 -12.45 -1.54
N ALA A 101 -34.29 -12.84 -0.75
CA ALA A 101 -34.53 -12.93 0.70
C ALA A 101 -33.26 -12.57 1.44
N SER A 102 -33.39 -12.01 2.62
CA SER A 102 -32.21 -11.65 3.40
C SER A 102 -31.67 -12.85 4.16
N ILE A 103 -30.40 -12.77 4.53
CA ILE A 103 -29.75 -13.79 5.36
C ILE A 103 -29.48 -13.17 6.73
N SER A 104 -29.72 -13.93 7.79
CA SER A 104 -29.48 -13.44 9.14
C SER A 104 -28.00 -13.22 9.45
N LEU A 105 -27.72 -12.17 10.23
CA LEU A 105 -26.39 -11.98 10.80
C LEU A 105 -26.15 -12.99 11.93
N PRO A 106 -24.88 -13.38 12.17
CA PRO A 106 -24.55 -14.35 13.23
C PRO A 106 -24.80 -13.79 14.62
N THR A 107 -25.15 -14.67 15.56
CA THR A 107 -25.26 -14.26 16.96
C THR A 107 -24.03 -14.67 17.76
N SER A 108 -23.19 -15.49 17.15
CA SER A 108 -21.90 -15.88 17.70
C SER A 108 -20.99 -16.30 16.56
N CYS A 109 -19.71 -16.47 16.87
CA CYS A 109 -18.74 -16.96 15.88
C CYS A 109 -18.91 -18.47 15.73
N ALA A 110 -18.66 -18.98 14.53
CA ALA A 110 -18.81 -20.41 14.30
C ALA A 110 -17.55 -21.16 14.74
N SER A 111 -17.72 -22.41 15.15
CA SER A 111 -16.58 -23.21 15.53
C SER A 111 -15.96 -23.95 14.34
N ALA A 112 -14.68 -24.30 14.49
CA ALA A 112 -13.99 -25.11 13.50
C ALA A 112 -14.79 -26.39 13.26
N GLY A 113 -14.83 -26.83 12.01
CA GLY A 113 -15.58 -27.99 11.61
C GLY A 113 -17.00 -27.71 11.17
N THR A 114 -17.52 -26.52 11.49
CA THR A 114 -18.86 -26.12 11.05
C THR A 114 -18.92 -26.15 9.54
N GLN A 115 -19.95 -26.77 8.97
CA GLN A 115 -20.08 -26.85 7.52
C GLN A 115 -20.86 -25.66 6.97
N CYS A 116 -20.37 -25.12 5.85
CA CYS A 116 -20.94 -23.88 5.35
C CYS A 116 -21.20 -23.95 3.86
N LEU A 117 -22.03 -23.04 3.35
CA LEU A 117 -22.32 -22.92 1.94
C LEU A 117 -21.66 -21.66 1.38
N ILE A 118 -20.83 -21.84 0.37
CA ILE A 118 -20.15 -20.72 -0.29
C ILE A 118 -20.65 -20.65 -1.72
N SER A 119 -20.92 -19.45 -2.25
CA SER A 119 -21.53 -19.40 -3.55
C SER A 119 -21.03 -18.23 -4.37
N GLY A 120 -21.15 -18.33 -5.68
CA GLY A 120 -20.79 -17.20 -6.52
C GLY A 120 -20.69 -17.53 -7.99
N TRP A 121 -20.36 -16.50 -8.77
CA TRP A 121 -20.26 -16.61 -10.23
C TRP A 121 -18.81 -16.45 -10.67
N GLY A 122 -17.88 -16.80 -9.79
CA GLY A 122 -16.46 -16.70 -10.10
C GLY A 122 -15.99 -17.80 -11.02
N ASN A 123 -14.70 -17.78 -11.31
CA ASN A 123 -14.04 -18.80 -12.15
C ASN A 123 -14.35 -20.18 -11.60
N THR A 124 -14.54 -21.15 -12.51
CA THR A 124 -14.83 -22.54 -12.12
C THR A 124 -13.63 -23.44 -12.37
N LYS A 125 -12.55 -22.83 -12.86
CA LYS A 125 -11.31 -23.56 -13.03
C LYS A 125 -10.20 -22.81 -12.33
N SER A 126 -9.25 -23.55 -11.78
CA SER A 126 -8.16 -22.96 -11.00
C SER A 126 -7.05 -22.38 -11.89
N SER A 127 -7.15 -22.59 -13.20
CA SER A 127 -6.26 -21.97 -14.17
C SER A 127 -6.96 -21.93 -15.52
N GLY A 128 -6.68 -20.90 -16.32
CA GLY A 128 -7.31 -20.77 -17.62
C GLY A 128 -8.62 -20.00 -17.58
N THR A 129 -9.32 -20.04 -18.71
CA THR A 129 -10.54 -19.24 -18.92
C THR A 129 -11.82 -20.04 -18.62
N SER A 130 -12.60 -19.54 -17.66
CA SER A 130 -13.90 -20.13 -17.30
C SER A 130 -15.01 -19.42 -18.06
N TYR A 131 -16.17 -20.08 -18.20
CA TYR A 131 -17.34 -19.47 -18.85
C TYR A 131 -18.61 -19.65 -17.99
N PRO A 132 -18.60 -19.11 -16.75
CA PRO A 132 -19.73 -19.39 -15.84
C PRO A 132 -21.03 -18.75 -16.34
N ASP A 133 -22.18 -19.30 -15.94
CA ASP A 133 -23.44 -18.63 -16.22
C ASP A 133 -24.36 -18.70 -15.01
N VAL A 134 -24.72 -19.92 -14.60
CA VAL A 134 -25.54 -20.09 -13.41
C VAL A 134 -24.74 -20.06 -12.11
N LEU A 135 -25.40 -19.76 -11.01
CA LEU A 135 -24.73 -19.60 -9.73
C LEU A 135 -24.19 -20.95 -9.30
N LYS A 136 -22.96 -20.95 -8.78
CA LYS A 136 -22.35 -22.18 -8.26
C LYS A 136 -22.24 -22.19 -6.72
N CYS A 137 -22.26 -23.40 -6.16
CA CYS A 137 -22.26 -23.60 -4.71
C CYS A 137 -21.17 -24.56 -4.32
N LEU A 138 -20.66 -24.39 -3.10
CA LEU A 138 -19.69 -25.30 -2.54
C LEU A 138 -19.99 -25.49 -1.07
N LYS A 139 -20.04 -26.74 -0.63
CA LYS A 139 -20.11 -27.00 0.80
C LYS A 139 -18.67 -27.15 1.30
N ALA A 140 -18.35 -26.46 2.39
CA ALA A 140 -16.97 -26.41 2.87
C ALA A 140 -16.95 -26.18 4.37
N PRO A 141 -16.06 -26.88 5.05
CA PRO A 141 -15.96 -26.72 6.50
C PRO A 141 -15.05 -25.56 6.89
N ILE A 142 -15.36 -24.93 8.01
CA ILE A 142 -14.42 -24.01 8.63
C ILE A 142 -13.22 -24.79 9.20
N LEU A 143 -12.00 -24.37 8.84
CA LEU A 143 -10.81 -25.03 9.34
C LEU A 143 -10.35 -24.45 10.67
N SER A 144 -9.61 -25.26 11.42
CA SER A 144 -9.08 -24.84 12.71
C SER A 144 -8.20 -23.63 12.50
N ASP A 145 -8.19 -22.72 13.47
CA ASP A 145 -7.34 -21.53 13.37
C ASP A 145 -5.86 -21.90 13.24
N SER A 146 -5.46 -23.01 13.87
CA SER A 146 -4.07 -23.46 13.77
C SER A 146 -3.71 -23.98 12.37
N SER A 147 -4.64 -24.68 11.73
CA SER A 147 -4.37 -25.17 10.39
C SER A 147 -4.38 -24.01 9.40
N CYS A 148 -5.20 -22.99 9.69
CA CYS A 148 -5.26 -21.79 8.87
C CYS A 148 -3.93 -21.03 8.91
N LYS A 149 -3.43 -20.79 10.11
CA LYS A 149 -2.12 -20.17 10.29
C LYS A 149 -0.97 -20.99 9.71
N SER A 150 -1.08 -22.31 9.79
CA SER A 150 -0.08 -23.20 9.20
C SER A 150 -0.05 -23.07 7.69
N ALA A 151 -1.22 -22.86 7.07
CA ALA A 151 -1.30 -22.72 5.63
C ALA A 151 -0.76 -21.36 5.17
N TYR A 152 -0.97 -20.36 6.01
CA TYR A 152 -0.55 -19.00 5.72
C TYR A 152 0.20 -18.36 6.88
N PRO A 153 1.41 -18.84 7.17
CA PRO A 153 2.23 -18.36 8.29
C PRO A 153 2.37 -16.84 8.29
N GLY A 154 2.06 -16.21 9.41
CA GLY A 154 2.28 -14.77 9.55
C GLY A 154 1.29 -13.87 8.83
N GLN A 155 0.19 -14.44 8.34
CA GLN A 155 -0.76 -13.66 7.52
C GLN A 155 -2.21 -13.69 7.95
N ILE A 156 -2.54 -14.51 8.94
CA ILE A 156 -3.93 -14.62 9.36
C ILE A 156 -4.25 -13.73 10.56
N THR A 157 -5.20 -12.81 10.40
CA THR A 157 -5.60 -11.95 11.49
C THR A 157 -6.74 -12.56 12.28
N SER A 158 -7.09 -11.93 13.39
CA SER A 158 -8.20 -12.43 14.19
C SER A 158 -9.56 -12.17 13.52
N ASN A 159 -9.57 -11.48 12.38
CA ASN A 159 -10.82 -11.22 11.67
C ASN A 159 -10.91 -12.03 10.38
N MET A 160 -10.21 -13.15 10.36
CA MET A 160 -10.23 -14.05 9.20
C MET A 160 -10.35 -15.46 9.70
N PHE A 161 -10.95 -16.30 8.87
CA PHE A 161 -10.88 -17.75 9.06
C PHE A 161 -10.69 -18.43 7.72
N CYS A 162 -10.11 -19.62 7.74
CA CYS A 162 -9.99 -20.45 6.54
C CYS A 162 -11.15 -21.40 6.47
N ALA A 163 -11.59 -21.69 5.26
CA ALA A 163 -12.63 -22.66 5.05
C ALA A 163 -12.33 -23.38 3.76
N GLY A 164 -12.68 -24.65 3.70
CA GLY A 164 -12.44 -25.35 2.45
C GLY A 164 -11.67 -26.66 2.69
N TYR A 165 -10.73 -26.92 1.80
CA TYR A 165 -10.10 -28.23 1.67
C TYR A 165 -8.61 -28.08 1.42
N LEU A 166 -7.81 -28.93 2.05
CA LEU A 166 -6.37 -28.86 1.91
C LEU A 166 -5.88 -29.61 0.67
N GLU A 167 -6.73 -30.46 0.10
CA GLU A 167 -6.27 -31.34 -0.97
C GLU A 167 -6.30 -30.68 -2.33
N GLY A 168 -7.03 -29.58 -2.47
CA GLY A 168 -7.09 -28.86 -3.73
C GLY A 168 -8.32 -29.19 -4.55
N GLY A 169 -8.64 -28.31 -5.50
CA GLY A 169 -9.72 -28.53 -6.43
C GLY A 169 -11.11 -28.15 -5.96
N LYS A 170 -11.24 -27.65 -4.72
CA LYS A 170 -12.54 -27.18 -4.19
C LYS A 170 -12.36 -25.87 -3.41
N ASP A 171 -12.84 -24.75 -3.97
CA ASP A 171 -12.54 -23.44 -3.37
C ASP A 171 -13.40 -22.36 -4.03
N SER A 172 -13.49 -21.20 -3.38
CA SER A 172 -13.95 -20.01 -4.07
C SER A 172 -12.79 -19.52 -4.95
N CYS A 173 -13.06 -18.62 -5.89
CA CYS A 173 -12.05 -18.24 -6.88
C CYS A 173 -12.32 -16.82 -7.38
N GLN A 174 -11.45 -16.31 -8.25
CA GLN A 174 -11.64 -14.94 -8.76
C GLN A 174 -13.02 -14.71 -9.37
N GLY A 175 -13.69 -13.66 -8.90
CA GLY A 175 -15.04 -13.34 -9.28
C GLY A 175 -16.05 -13.69 -8.20
N ASP A 176 -15.59 -14.44 -7.20
CA ASP A 176 -16.41 -14.77 -6.05
C ASP A 176 -16.24 -13.78 -4.89
N SER A 177 -15.21 -12.95 -4.92
CA SER A 177 -15.02 -11.93 -3.88
C SER A 177 -16.30 -11.24 -3.43
N GLY A 178 -16.46 -11.10 -2.11
CA GLY A 178 -17.58 -10.38 -1.57
C GLY A 178 -18.79 -11.24 -1.28
N GLY A 179 -18.84 -12.42 -1.89
CA GLY A 179 -19.93 -13.38 -1.70
C GLY A 179 -19.99 -14.02 -0.32
N PRO A 180 -21.09 -14.74 -0.09
CA PRO A 180 -21.45 -15.29 1.22
C PRO A 180 -20.76 -16.62 1.58
N VAL A 181 -20.48 -16.75 2.88
CA VAL A 181 -20.18 -18.05 3.49
C VAL A 181 -21.25 -18.16 4.56
N VAL A 182 -22.17 -19.09 4.40
CA VAL A 182 -23.32 -19.17 5.30
C VAL A 182 -23.28 -20.51 6.00
N CYS A 183 -23.46 -20.49 7.32
CA CYS A 183 -23.31 -21.70 8.15
C CYS A 183 -24.49 -21.75 9.11
N SER A 184 -25.25 -22.84 9.07
CA SER A 184 -26.48 -22.91 9.87
C SER A 184 -27.39 -21.71 9.73
N GLY A 185 -27.52 -21.16 8.51
CA GLY A 185 -28.48 -20.08 8.25
C GLY A 185 -28.00 -18.70 8.70
N LYS A 186 -26.71 -18.58 9.02
CA LYS A 186 -26.14 -17.29 9.40
C LYS A 186 -24.98 -16.94 8.49
N LEU A 187 -24.86 -15.67 8.15
CA LEU A 187 -23.72 -15.25 7.35
C LEU A 187 -22.45 -15.12 8.23
N GLN A 188 -21.55 -16.10 8.15
CA GLN A 188 -20.34 -16.10 8.94
C GLN A 188 -19.12 -15.56 8.20
N GLY A 189 -19.15 -15.60 6.87
CA GLY A 189 -17.98 -15.22 6.14
C GLY A 189 -18.22 -14.43 4.87
N ILE A 190 -17.17 -13.76 4.39
CA ILE A 190 -17.16 -13.06 3.10
C ILE A 190 -15.97 -13.55 2.31
N VAL A 191 -16.20 -14.00 1.08
CA VAL A 191 -15.10 -14.41 0.20
C VAL A 191 -14.11 -13.27 0.08
N SER A 192 -12.85 -13.54 0.42
CA SER A 192 -11.81 -12.50 0.52
C SER A 192 -10.55 -12.81 -0.30
N TRP A 193 -9.74 -13.76 0.14
CA TRP A 193 -8.49 -14.01 -0.56
C TRP A 193 -7.98 -15.43 -0.38
N GLY A 194 -6.83 -15.72 -0.98
CA GLY A 194 -6.16 -17.01 -0.84
C GLY A 194 -4.94 -16.97 -1.74
N SER A 195 -4.10 -17.99 -1.68
CA SER A 195 -2.98 -18.08 -2.63
C SER A 195 -3.49 -18.79 -3.88
N GLY A 196 -3.79 -18.02 -4.94
CA GLY A 196 -4.53 -18.55 -6.08
C GLY A 196 -5.87 -19.12 -5.63
N CYS A 197 -6.34 -20.12 -6.39
N CYS A 197 -6.37 -20.12 -6.35
CA CYS A 197 -7.60 -20.82 -6.12
CA CYS A 197 -7.59 -20.76 -5.91
C CYS A 197 -7.39 -22.32 -6.08
C CYS A 197 -7.56 -22.26 -6.13
N ALA A 198 -8.03 -22.99 -5.12
CA ALA A 198 -8.10 -24.46 -5.16
C ALA A 198 -6.74 -25.13 -5.22
N GLN A 199 -5.75 -24.47 -4.63
CA GLN A 199 -4.40 -25.00 -4.64
C GLN A 199 -4.21 -25.87 -3.44
N LYS A 200 -3.40 -26.91 -3.56
CA LYS A 200 -3.15 -27.77 -2.43
C LYS A 200 -2.57 -27.00 -1.24
N ASN A 201 -3.13 -27.26 -0.06
CA ASN A 201 -2.65 -26.69 1.18
C ASN A 201 -2.81 -25.17 1.29
N LYS A 202 -3.66 -24.61 0.44
CA LYS A 202 -3.95 -23.17 0.45
C LYS A 202 -5.46 -22.94 0.35
N PRO A 203 -6.16 -23.16 1.47
CA PRO A 203 -7.60 -22.95 1.50
C PRO A 203 -7.98 -21.47 1.36
N GLY A 204 -9.24 -21.21 1.04
CA GLY A 204 -9.73 -19.86 0.97
C GLY A 204 -9.72 -19.20 2.34
N VAL A 205 -9.49 -17.89 2.33
CA VAL A 205 -9.50 -17.10 3.56
C VAL A 205 -10.67 -16.10 3.48
N TYR A 206 -11.42 -16.01 4.57
CA TYR A 206 -12.70 -15.30 4.58
C TYR A 206 -12.78 -14.31 5.75
N THR A 207 -13.45 -13.18 5.56
CA THR A 207 -13.61 -12.19 6.58
C THR A 207 -14.58 -12.77 7.57
N LYS A 208 -14.20 -12.72 8.84
CA LYS A 208 -15.02 -13.25 9.93
C LYS A 208 -16.15 -12.29 10.35
N VAL A 209 -17.33 -12.45 9.76
CA VAL A 209 -18.46 -11.51 9.92
C VAL A 209 -18.92 -11.31 11.39
N CYS A 210 -18.80 -12.34 12.20
CA CYS A 210 -19.27 -12.24 13.58
C CYS A 210 -18.56 -11.15 14.37
N ASN A 211 -17.37 -10.76 13.93
CA ASN A 211 -16.69 -9.64 14.60
C ASN A 211 -17.19 -8.25 14.23
N TYR A 212 -18.13 -8.18 13.29
CA TYR A 212 -18.56 -6.90 12.73
C TYR A 212 -20.03 -6.61 12.95
N VAL A 213 -20.71 -7.47 13.70
CA VAL A 213 -22.15 -7.26 13.83
C VAL A 213 -22.54 -5.89 14.41
N SER A 214 -21.86 -5.44 15.45
N SER A 214 -21.85 -5.45 15.44
CA SER A 214 -22.20 -4.14 16.03
CA SER A 214 -22.20 -4.15 16.02
C SER A 214 -21.91 -3.00 15.05
C SER A 214 -21.92 -3.02 15.04
N TRP A 215 -20.85 -3.15 14.25
CA TRP A 215 -20.52 -2.11 13.26
C TRP A 215 -21.55 -2.10 12.15
N ILE A 216 -21.94 -3.28 11.71
CA ILE A 216 -23.05 -3.40 10.74
C ILE A 216 -24.35 -2.74 11.21
N LYS A 217 -24.77 -3.06 12.42
CA LYS A 217 -26.00 -2.50 12.97
C LYS A 217 -25.91 -0.97 13.07
N GLN A 218 -24.76 -0.50 13.50
CA GLN A 218 -24.57 0.94 13.67
C GLN A 218 -24.59 1.63 12.32
N THR A 219 -24.01 1.00 11.32
CA THR A 219 -23.93 1.65 10.01
C THR A 219 -25.32 1.74 9.37
N ILE A 220 -26.09 0.66 9.47
CA ILE A 220 -27.48 0.64 9.01
C ILE A 220 -28.32 1.71 9.69
N ALA A 221 -28.14 1.84 11.01
CA ALA A 221 -28.97 2.76 11.80
C ALA A 221 -28.65 4.22 11.49
N SER A 222 -27.40 4.50 11.17
CA SER A 222 -26.93 5.88 11.03
C SER A 222 -26.95 6.37 9.59
N ASN A 223 -27.36 5.49 8.68
CA ASN A 223 -27.36 5.84 7.26
C ASN A 223 -28.73 5.63 6.63
N ILE B 1 -7.09 27.79 3.33
CA ILE B 1 -8.27 27.04 3.79
C ILE B 1 -9.08 27.89 4.77
N VAL B 2 -10.35 28.15 4.45
CA VAL B 2 -11.25 28.89 5.31
C VAL B 2 -12.13 27.94 6.12
N GLY B 3 -12.22 28.17 7.43
CA GLY B 3 -13.14 27.41 8.25
C GLY B 3 -12.71 25.97 8.51
N GLY B 4 -11.41 25.71 8.34
CA GLY B 4 -10.86 24.39 8.61
C GLY B 4 -10.20 24.29 9.99
N TYR B 5 -9.19 23.44 10.08
CA TYR B 5 -8.47 23.20 11.33
C TYR B 5 -7.00 22.95 11.05
N THR B 6 -6.20 23.08 12.11
CA THR B 6 -4.77 22.76 12.02
C THR B 6 -4.62 21.26 11.84
N CYS B 7 -4.00 20.86 10.73
CA CYS B 7 -3.79 19.45 10.46
C CYS B 7 -3.01 18.76 11.57
N GLY B 8 -1.95 19.41 12.02
CA GLY B 8 -0.96 18.77 12.85
C GLY B 8 0.24 18.41 11.99
N ALA B 9 1.44 18.60 12.53
CA ALA B 9 2.67 18.46 11.75
C ALA B 9 2.78 17.12 11.04
N ASN B 10 2.95 17.19 9.72
CA ASN B 10 3.20 16.03 8.87
C ASN B 10 2.12 14.93 8.88
N THR B 11 0.89 15.30 9.24
CA THR B 11 -0.23 14.36 9.19
C THR B 11 -0.79 14.21 7.79
N VAL B 12 -0.29 15.03 6.86
CA VAL B 12 -0.72 15.00 5.47
C VAL B 12 0.58 14.90 4.67
N PRO B 13 1.26 13.75 4.76
CA PRO B 13 2.66 13.69 4.32
C PRO B 13 2.88 13.76 2.81
N TYR B 14 1.79 13.72 2.03
CA TYR B 14 1.87 13.88 0.58
C TYR B 14 1.73 15.35 0.15
N GLN B 15 1.43 16.22 1.09
CA GLN B 15 1.24 17.65 0.76
C GLN B 15 2.57 18.33 0.54
N VAL B 16 2.72 18.97 -0.61
CA VAL B 16 3.94 19.75 -0.81
C VAL B 16 3.62 21.22 -0.97
N SER B 17 4.64 22.04 -0.78
CA SER B 17 4.57 23.45 -1.10
C SER B 17 5.44 23.71 -2.33
N LEU B 18 4.88 24.40 -3.32
CA LEU B 18 5.62 24.87 -4.49
C LEU B 18 6.10 26.26 -4.12
N ASN B 19 7.41 26.44 -4.20
CA ASN B 19 8.09 27.63 -3.68
C ASN B 19 8.91 28.35 -4.76
N SER B 20 8.84 29.68 -4.80
CA SER B 20 9.73 30.46 -5.68
C SER B 20 10.28 31.61 -4.88
N GLY B 21 11.07 31.27 -3.86
CA GLY B 21 11.35 32.20 -2.78
C GLY B 21 10.38 31.93 -1.65
N TYR B 22 9.09 32.21 -1.90
CA TYR B 22 8.04 31.92 -0.94
C TYR B 22 7.04 30.95 -1.55
N HIS B 23 6.23 30.35 -0.68
CA HIS B 23 5.11 29.50 -1.08
C HIS B 23 4.12 30.18 -2.01
N PHE B 24 3.74 29.52 -3.10
CA PHE B 24 2.76 30.10 -4.00
C PHE B 24 1.66 29.11 -4.41
N CYS B 25 1.89 27.81 -4.20
CA CYS B 25 0.86 26.83 -4.57
C CYS B 25 1.08 25.56 -3.80
N GLY B 26 0.04 24.73 -3.72
CA GLY B 26 0.19 23.42 -3.14
C GLY B 26 0.44 22.38 -4.21
N GLY B 27 0.70 21.14 -3.76
CA GLY B 27 0.85 20.03 -4.68
C GLY B 27 0.76 18.73 -3.93
N SER B 28 0.75 17.62 -4.68
CA SER B 28 0.68 16.27 -4.06
C SER B 28 1.79 15.38 -4.58
N LEU B 29 2.51 14.74 -3.66
CA LEU B 29 3.55 13.79 -4.04
C LEU B 29 2.90 12.46 -4.45
N ILE B 30 3.16 11.98 -5.68
CA ILE B 30 2.55 10.70 -6.12
C ILE B 30 3.58 9.58 -6.31
N ASN B 31 4.85 9.95 -6.40
CA ASN B 31 5.94 8.99 -6.19
C ASN B 31 7.20 9.72 -5.79
N SER B 32 8.31 9.00 -5.68
CA SER B 32 9.54 9.65 -5.21
C SER B 32 10.01 10.82 -6.10
N GLN B 33 9.60 10.86 -7.36
CA GLN B 33 10.17 11.83 -8.26
C GLN B 33 9.15 12.74 -8.92
N TRP B 34 7.87 12.56 -8.58
CA TRP B 34 6.80 13.30 -9.28
C TRP B 34 5.75 13.89 -8.38
N VAL B 35 5.36 15.11 -8.72
CA VAL B 35 4.33 15.85 -7.98
C VAL B 35 3.20 16.23 -8.95
N VAL B 36 1.97 16.09 -8.47
CA VAL B 36 0.79 16.61 -9.17
C VAL B 36 0.31 17.95 -8.60
N SER B 37 0.05 18.91 -9.47
CA SER B 37 -0.43 20.24 -9.06
C SER B 37 -1.39 20.77 -10.11
N ALA B 38 -1.78 22.04 -10.00
CA ALA B 38 -2.70 22.67 -10.96
C ALA B 38 -1.90 23.25 -12.11
N ALA B 39 -2.41 23.12 -13.34
CA ALA B 39 -1.77 23.77 -14.49
C ALA B 39 -1.54 25.27 -14.25
N HIS B 40 -2.51 25.93 -13.61
CA HIS B 40 -2.36 27.39 -13.41
C HIS B 40 -1.28 27.78 -12.39
N CYS B 41 -0.67 26.78 -11.76
CA CYS B 41 0.46 26.97 -10.87
C CYS B 41 1.81 26.95 -11.60
N TYR B 42 1.81 26.70 -12.90
CA TYR B 42 3.09 26.63 -13.62
C TYR B 42 3.93 27.91 -13.46
N LYS B 43 5.20 27.71 -13.10
CA LYS B 43 6.18 28.78 -12.99
C LYS B 43 7.55 28.16 -13.26
N SER B 44 8.41 28.88 -13.97
CA SER B 44 9.77 28.40 -14.20
C SER B 44 10.58 28.49 -12.91
N GLY B 45 11.49 27.53 -12.69
CA GLY B 45 12.41 27.56 -11.57
C GLY B 45 11.80 27.25 -10.21
N ILE B 46 10.78 26.39 -10.22
CA ILE B 46 10.09 26.01 -9.00
C ILE B 46 11.03 25.20 -8.10
N GLN B 47 10.93 25.42 -6.78
CA GLN B 47 11.46 24.47 -5.82
C GLN B 47 10.29 23.80 -5.09
N VAL B 48 10.38 22.48 -4.95
CA VAL B 48 9.36 21.71 -4.21
C VAL B 48 9.80 21.54 -2.78
N ARG B 49 8.94 21.93 -1.84
CA ARG B 49 9.23 21.71 -0.41
C ARG B 49 8.36 20.62 0.17
N LEU B 50 9.02 19.54 0.54
CA LEU B 50 8.36 18.37 1.11
C LEU B 50 8.58 18.35 2.62
N GLY B 51 7.71 17.62 3.31
CA GLY B 51 7.86 17.43 4.74
C GLY B 51 7.62 18.70 5.54
N GLU B 52 6.91 19.66 4.94
CA GLU B 52 6.64 20.91 5.61
C GLU B 52 5.44 20.87 6.55
N ASP B 53 5.58 21.50 7.72
CA ASP B 53 4.40 21.95 8.47
C ASP B 53 4.37 23.47 8.56
N ASN B 54 5.14 24.04 9.49
CA ASN B 54 5.23 25.50 9.54
C ASN B 54 6.08 25.96 8.38
N ILE B 55 5.58 26.72 7.41
CA ILE B 55 6.40 26.97 6.22
C ILE B 55 7.42 28.10 6.40
N ASN B 56 7.36 28.80 7.52
CA ASN B 56 8.24 29.93 7.77
C ASN B 56 9.43 29.55 8.62
N VAL B 57 9.36 28.40 9.26
CA VAL B 57 10.35 28.04 10.26
C VAL B 57 10.92 26.68 9.94
N VAL B 58 12.24 26.48 10.02
CA VAL B 58 12.81 25.14 9.81
C VAL B 58 12.57 24.20 10.99
N GLU B 59 11.85 23.10 10.77
CA GLU B 59 11.54 22.19 11.87
C GLU B 59 12.28 20.85 11.81
N GLY B 60 12.92 20.57 10.69
CA GLY B 60 13.75 19.38 10.66
C GLY B 60 13.34 18.29 9.69
N ASN B 61 12.09 18.29 9.24
CA ASN B 61 11.64 17.20 8.38
C ASN B 61 11.52 17.60 6.92
N GLU B 62 11.97 18.81 6.60
CA GLU B 62 11.88 19.35 5.25
C GLU B 62 12.85 18.70 4.29
N GLN B 63 12.42 18.57 3.04
CA GLN B 63 13.36 18.35 1.96
C GLN B 63 13.09 19.41 0.92
N PHE B 64 14.15 20.08 0.46
CA PHE B 64 14.04 21.12 -0.53
C PHE B 64 14.60 20.59 -1.85
N ILE B 65 13.75 20.45 -2.86
CA ILE B 65 14.18 19.84 -4.14
C ILE B 65 13.70 20.64 -5.36
N SER B 66 14.66 21.05 -6.19
CA SER B 66 14.37 21.77 -7.41
C SER B 66 13.50 20.93 -8.33
N ALA B 67 12.55 21.57 -9.00
CA ALA B 67 11.81 20.92 -10.07
C ALA B 67 12.70 20.87 -11.30
N SER B 68 12.80 19.69 -11.92
CA SER B 68 13.57 19.60 -13.16
C SER B 68 12.70 19.72 -14.42
N LYS B 69 11.44 19.33 -14.30
CA LYS B 69 10.50 19.42 -15.42
C LYS B 69 9.17 19.86 -14.86
N SER B 70 8.48 20.76 -15.55
CA SER B 70 7.07 21.04 -15.25
C SER B 70 6.26 20.77 -16.51
N ILE B 71 5.35 19.80 -16.43
CA ILE B 71 4.61 19.36 -17.63
C ILE B 71 3.12 19.67 -17.45
N VAL B 72 2.66 20.76 -18.07
CA VAL B 72 1.25 21.16 -17.95
C VAL B 72 0.48 20.26 -18.89
N HIS B 73 -0.77 19.94 -18.55
CA HIS B 73 -1.56 19.11 -19.46
C HIS B 73 -1.64 19.78 -20.84
N PRO B 74 -1.44 19.02 -21.91
CA PRO B 74 -1.36 19.65 -23.23
C PRO B 74 -2.68 20.32 -23.61
N SER B 75 -3.80 19.84 -23.04
CA SER B 75 -5.09 20.49 -23.31
C SER B 75 -5.58 21.46 -22.23
N TYR B 76 -4.70 21.87 -21.31
CA TYR B 76 -5.06 22.91 -20.35
C TYR B 76 -5.56 24.16 -21.07
N ASN B 77 -6.71 24.65 -20.67
CA ASN B 77 -7.31 25.82 -21.28
C ASN B 77 -7.37 26.89 -20.20
N SER B 78 -6.53 27.91 -20.31
CA SER B 78 -6.47 28.94 -19.26
C SER B 78 -7.71 29.84 -19.27
N ASN B 79 -8.56 29.71 -20.30
CA ASN B 79 -9.78 30.50 -20.32
C ASN B 79 -10.95 29.80 -19.61
N THR B 80 -11.07 28.49 -19.78
CA THR B 80 -12.20 27.75 -19.23
C THR B 80 -11.79 26.95 -17.98
N LEU B 81 -10.48 26.89 -17.77
CA LEU B 81 -9.84 26.10 -16.72
C LEU B 81 -10.08 24.60 -16.89
N ASN B 82 -10.50 24.17 -18.08
CA ASN B 82 -10.51 22.73 -18.37
C ASN B 82 -9.07 22.13 -18.35
N ASN B 83 -8.94 20.91 -17.82
CA ASN B 83 -7.65 20.20 -17.75
C ASN B 83 -6.60 20.92 -16.92
N ASP B 84 -7.03 21.45 -15.77
CA ASP B 84 -6.14 22.20 -14.88
C ASP B 84 -5.28 21.25 -14.03
N ILE B 85 -4.26 20.67 -14.68
CA ILE B 85 -3.41 19.69 -14.02
C ILE B 85 -2.02 19.77 -14.63
N MET B 86 -1.02 19.62 -13.76
CA MET B 86 0.37 19.72 -14.15
C MET B 86 1.17 18.68 -13.37
N LEU B 87 2.12 18.07 -14.05
CA LEU B 87 3.10 17.21 -13.38
C LEU B 87 4.45 17.89 -13.29
N ILE B 88 5.03 17.77 -12.10
CA ILE B 88 6.36 18.28 -11.83
C ILE B 88 7.30 17.11 -11.53
N LYS B 89 8.42 17.05 -12.26
CA LYS B 89 9.46 16.07 -11.93
C LYS B 89 10.52 16.68 -11.01
N LEU B 90 10.89 15.94 -9.98
CA LEU B 90 11.91 16.42 -9.05
C LEU B 90 13.29 16.18 -9.63
N LYS B 91 14.22 17.09 -9.35
CA LYS B 91 15.58 17.00 -9.91
C LYS B 91 16.29 15.78 -9.36
N SER B 92 16.00 15.45 -8.11
CA SER B 92 16.44 14.20 -7.48
C SER B 92 15.27 13.54 -6.76
N ALA B 93 15.36 12.22 -6.54
CA ALA B 93 14.28 11.51 -5.87
C ALA B 93 14.18 11.93 -4.41
N ALA B 94 12.96 12.17 -3.95
CA ALA B 94 12.73 12.52 -2.56
C ALA B 94 13.09 11.30 -1.73
N SER B 95 13.60 11.53 -0.52
CA SER B 95 13.78 10.43 0.37
C SER B 95 12.46 10.21 1.10
N LEU B 96 11.71 9.19 0.68
CA LEU B 96 10.37 8.99 1.24
C LEU B 96 10.50 8.51 2.67
N ASN B 97 9.65 9.03 3.54
CA ASN B 97 9.61 8.62 4.95
C ASN B 97 8.24 9.00 5.52
N SER B 98 8.08 8.92 6.83
CA SER B 98 6.77 9.14 7.43
C SER B 98 6.22 10.56 7.26
N ARG B 99 7.09 11.51 6.93
CA ARG B 99 6.70 12.90 6.78
C ARG B 99 6.69 13.31 5.32
N VAL B 100 7.16 12.42 4.47
CA VAL B 100 7.26 12.68 3.04
C VAL B 100 6.80 11.40 2.36
N ALA B 101 5.54 11.36 1.93
CA ALA B 101 5.02 10.08 1.41
C ALA B 101 4.17 10.32 0.20
N SER B 102 4.02 9.29 -0.63
N SER B 102 4.03 9.29 -0.62
CA SER B 102 3.17 9.41 -1.80
CA SER B 102 3.17 9.35 -1.79
C SER B 102 1.71 9.15 -1.46
C SER B 102 1.70 9.17 -1.43
N ILE B 103 0.83 9.72 -2.28
CA ILE B 103 -0.60 9.47 -2.18
C ILE B 103 -1.01 8.66 -3.41
N SER B 104 -1.80 7.61 -3.20
CA SER B 104 -2.26 6.79 -4.32
C SER B 104 -3.19 7.51 -5.30
N LEU B 105 -3.06 7.17 -6.57
CA LEU B 105 -3.98 7.63 -7.60
C LEU B 105 -5.22 6.74 -7.59
N PRO B 106 -6.36 7.30 -7.99
CA PRO B 106 -7.58 6.48 -8.03
C PRO B 106 -7.61 5.50 -9.22
N THR B 107 -8.32 4.39 -9.04
CA THR B 107 -8.63 3.47 -10.14
C THR B 107 -10.10 3.63 -10.50
N SER B 108 -10.84 4.28 -9.61
CA SER B 108 -12.26 4.57 -9.83
C SER B 108 -12.59 5.99 -9.32
N CYS B 109 -13.47 6.72 -10.02
CA CYS B 109 -13.80 8.08 -9.64
C CYS B 109 -14.60 8.07 -8.35
N ALA B 110 -14.64 9.19 -7.64
CA ALA B 110 -15.39 9.26 -6.38
C ALA B 110 -16.84 9.70 -6.62
N SER B 111 -17.73 9.32 -5.72
N SER B 111 -17.73 9.32 -5.71
CA SER B 111 -19.15 9.62 -5.89
CA SER B 111 -19.16 9.62 -5.87
C SER B 111 -19.57 10.86 -5.13
C SER B 111 -19.57 10.87 -5.13
N ALA B 112 -20.64 11.51 -5.58
CA ALA B 112 -21.23 12.61 -4.84
C ALA B 112 -21.58 12.12 -3.43
N GLY B 113 -21.35 12.98 -2.45
CA GLY B 113 -21.58 12.64 -1.06
C GLY B 113 -20.33 12.15 -0.33
N THR B 114 -19.34 11.66 -1.07
CA THR B 114 -18.10 11.16 -0.48
C THR B 114 -17.41 12.28 0.30
N GLN B 115 -16.93 11.99 1.52
CA GLN B 115 -16.24 13.00 2.34
C GLN B 115 -14.75 12.96 1.99
N CYS B 116 -14.16 14.13 1.79
CA CYS B 116 -12.76 14.18 1.41
C CYS B 116 -11.98 15.14 2.29
N LEU B 117 -10.64 15.07 2.21
CA LEU B 117 -9.77 15.98 2.95
C LEU B 117 -9.00 16.91 1.98
N ILE B 118 -9.13 18.21 2.23
CA ILE B 118 -8.52 19.24 1.39
C ILE B 118 -7.55 20.00 2.30
N SER B 119 -6.38 20.34 1.80
CA SER B 119 -5.39 20.93 2.67
C SER B 119 -4.55 21.97 1.95
N GLY B 120 -3.96 22.88 2.71
CA GLY B 120 -3.10 23.89 2.13
C GLY B 120 -2.71 25.01 3.07
N TRP B 121 -1.89 25.92 2.56
CA TRP B 121 -1.43 27.07 3.36
C TRP B 121 -2.04 28.38 2.86
N GLY B 122 -3.20 28.28 2.23
CA GLY B 122 -3.86 29.45 1.66
C GLY B 122 -4.52 30.32 2.73
N ASN B 123 -5.07 31.45 2.28
CA ASN B 123 -5.74 32.40 3.16
C ASN B 123 -6.78 31.68 4.03
N THR B 124 -6.90 32.08 5.30
CA THR B 124 -7.89 31.42 6.17
C THR B 124 -9.10 32.33 6.40
N LYS B 125 -9.06 33.52 5.82
CA LYS B 125 -10.18 34.45 5.96
C LYS B 125 -10.95 34.56 4.66
N SER B 126 -12.27 34.64 4.76
CA SER B 126 -13.13 34.77 3.59
C SER B 126 -13.23 36.23 3.12
N SER B 127 -12.90 37.15 4.01
CA SER B 127 -12.75 38.56 3.66
C SER B 127 -11.44 39.06 4.24
N GLY B 128 -10.67 39.81 3.46
CA GLY B 128 -9.34 40.19 3.90
C GLY B 128 -8.45 38.96 3.85
N THR B 129 -7.19 39.12 4.26
CA THR B 129 -6.20 38.08 4.04
C THR B 129 -5.46 37.69 5.32
N SER B 130 -5.38 36.39 5.57
CA SER B 130 -4.56 35.88 6.66
C SER B 130 -3.63 34.81 6.08
N TYR B 131 -2.39 34.77 6.54
CA TYR B 131 -1.48 33.72 6.07
C TYR B 131 -1.12 32.77 7.21
N PRO B 132 -1.55 31.51 7.09
CA PRO B 132 -1.23 30.56 8.15
C PRO B 132 0.22 30.16 8.07
N ASP B 133 0.80 29.94 9.24
CA ASP B 133 2.12 29.35 9.39
C ASP B 133 2.08 27.83 9.08
N VAL B 134 1.18 27.12 9.77
CA VAL B 134 1.10 25.67 9.67
C VAL B 134 0.00 25.21 8.72
N LEU B 135 0.08 23.94 8.33
CA LEU B 135 -0.82 23.41 7.32
C LEU B 135 -2.24 23.29 7.88
N LYS B 136 -3.21 23.69 7.06
CA LYS B 136 -4.62 23.66 7.42
C LYS B 136 -5.35 22.60 6.62
N CYS B 137 -6.37 22.02 7.25
CA CYS B 137 -7.17 20.93 6.66
C CYS B 137 -8.66 21.27 6.70
N LEU B 138 -9.41 20.63 5.81
CA LEU B 138 -10.85 20.78 5.78
CA LEU B 138 -10.85 20.78 5.78
C LEU B 138 -11.47 19.49 5.31
N LYS B 139 -12.46 19.00 6.05
CA LYS B 139 -13.23 17.88 5.54
C LYS B 139 -14.42 18.43 4.79
N ALA B 140 -14.64 17.95 3.57
CA ALA B 140 -15.72 18.45 2.73
C ALA B 140 -16.23 17.36 1.81
N PRO B 141 -17.56 17.34 1.57
CA PRO B 141 -18.18 16.35 0.69
C PRO B 141 -18.13 16.75 -0.78
N ILE B 142 -17.99 15.76 -1.65
CA ILE B 142 -18.22 16.00 -3.09
C ILE B 142 -19.70 16.33 -3.32
N LEU B 143 -19.96 17.41 -4.06
CA LEU B 143 -21.34 17.78 -4.42
C LEU B 143 -21.79 17.16 -5.73
N SER B 144 -23.11 17.01 -5.89
CA SER B 144 -23.66 16.43 -7.10
C SER B 144 -23.31 17.33 -8.27
N ASP B 145 -23.07 16.73 -9.43
CA ASP B 145 -22.83 17.46 -10.67
C ASP B 145 -23.96 18.44 -10.95
N SER B 146 -25.19 18.05 -10.64
CA SER B 146 -26.31 18.97 -10.86
C SER B 146 -26.18 20.22 -9.99
N SER B 147 -25.76 20.05 -8.73
CA SER B 147 -25.60 21.20 -7.86
C SER B 147 -24.43 22.09 -8.27
N CYS B 148 -23.38 21.44 -8.74
CA CYS B 148 -22.18 22.13 -9.19
C CYS B 148 -22.53 23.02 -10.39
N LYS B 149 -23.21 22.43 -11.37
CA LYS B 149 -23.64 23.20 -12.55
C LYS B 149 -24.63 24.32 -12.22
N SER B 150 -25.48 24.13 -11.22
CA SER B 150 -26.36 25.21 -10.80
C SER B 150 -25.59 26.33 -10.12
N ALA B 151 -24.47 26.00 -9.49
CA ALA B 151 -23.73 27.03 -8.75
C ALA B 151 -22.96 27.88 -9.75
N TYR B 152 -22.51 27.25 -10.83
CA TYR B 152 -21.66 27.91 -11.83
C TYR B 152 -22.16 27.66 -13.25
N PRO B 153 -23.27 28.31 -13.63
CA PRO B 153 -23.94 27.97 -14.88
C PRO B 153 -23.04 28.27 -16.08
N GLY B 154 -22.97 27.32 -17.01
CA GLY B 154 -22.15 27.47 -18.20
C GLY B 154 -20.63 27.41 -17.98
N GLN B 155 -20.19 26.93 -16.82
CA GLN B 155 -18.74 26.97 -16.47
C GLN B 155 -18.10 25.63 -16.09
N ILE B 156 -18.92 24.60 -15.90
CA ILE B 156 -18.37 23.37 -15.33
C ILE B 156 -18.16 22.35 -16.43
N THR B 157 -16.97 21.75 -16.49
CA THR B 157 -16.71 20.71 -17.50
C THR B 157 -16.76 19.34 -16.86
N SER B 158 -16.66 18.30 -17.69
CA SER B 158 -16.64 16.94 -17.17
C SER B 158 -15.35 16.60 -16.44
N ASN B 159 -14.40 17.54 -16.41
CA ASN B 159 -13.11 17.32 -15.75
C ASN B 159 -13.03 18.16 -14.49
N MET B 160 -14.20 18.60 -14.03
CA MET B 160 -14.29 19.31 -12.77
C MET B 160 -15.34 18.69 -11.85
N PHE B 161 -15.16 18.84 -10.56
CA PHE B 161 -16.26 18.60 -9.62
C PHE B 161 -16.27 19.68 -8.53
N CYS B 162 -17.43 19.88 -7.91
CA CYS B 162 -17.51 20.81 -6.79
C CYS B 162 -17.46 20.01 -5.51
N ALA B 163 -16.85 20.60 -4.49
CA ALA B 163 -16.83 20.00 -3.17
C ALA B 163 -16.94 21.12 -2.15
N GLY B 164 -17.57 20.84 -1.01
CA GLY B 164 -17.66 21.87 0.00
C GLY B 164 -19.09 21.96 0.52
N TYR B 165 -19.50 23.18 0.84
CA TYR B 165 -20.74 23.45 1.56
C TYR B 165 -21.46 24.64 0.95
N LEU B 166 -22.68 24.42 0.48
CA LEU B 166 -23.38 25.51 -0.18
C LEU B 166 -23.74 26.64 0.77
N GLU B 167 -23.76 26.36 2.08
CA GLU B 167 -24.12 27.38 3.06
C GLU B 167 -23.05 28.45 3.22
N GLY B 168 -21.83 28.16 2.76
CA GLY B 168 -20.72 29.09 2.92
C GLY B 168 -19.88 28.75 4.14
N GLY B 169 -18.79 29.49 4.36
CA GLY B 169 -18.01 29.37 5.57
C GLY B 169 -16.85 28.38 5.58
N LYS B 170 -16.91 27.35 4.73
CA LYS B 170 -15.87 26.33 4.69
C LYS B 170 -15.46 26.07 3.23
N ASP B 171 -14.20 26.35 2.89
CA ASP B 171 -13.75 26.25 1.50
C ASP B 171 -12.22 26.30 1.42
N SER B 172 -11.66 25.95 0.28
CA SER B 172 -10.26 26.27 0.02
C SER B 172 -10.20 27.71 -0.48
N CYS B 173 -9.01 28.29 -0.53
CA CYS B 173 -8.90 29.72 -0.81
C CYS B 173 -7.58 30.07 -1.49
N GLN B 174 -7.34 31.36 -1.74
CA GLN B 174 -6.13 31.77 -2.47
C GLN B 174 -4.86 31.36 -1.75
N GLY B 175 -3.97 30.67 -2.46
CA GLY B 175 -2.80 30.08 -1.85
C GLY B 175 -2.93 28.57 -1.69
N ASP B 176 -4.13 28.05 -1.87
CA ASP B 176 -4.36 26.60 -1.80
C ASP B 176 -4.28 25.92 -3.16
N SER B 177 -4.32 26.69 -4.23
CA SER B 177 -4.27 26.11 -5.59
C SER B 177 -3.24 25.01 -5.77
N GLY B 178 -3.62 23.95 -6.48
CA GLY B 178 -2.67 22.87 -6.73
C GLY B 178 -2.66 21.78 -5.69
N GLY B 179 -3.22 22.09 -4.52
CA GLY B 179 -3.22 21.17 -3.38
C GLY B 179 -4.16 19.98 -3.54
N PRO B 180 -4.05 19.01 -2.62
CA PRO B 180 -4.85 17.79 -2.76
C PRO B 180 -6.28 17.85 -2.23
N VAL B 181 -7.08 17.00 -2.87
CA VAL B 181 -8.38 16.59 -2.35
C VAL B 181 -8.34 15.09 -2.32
N VAL B 182 -8.35 14.53 -1.11
CA VAL B 182 -8.12 13.11 -0.97
C VAL B 182 -9.35 12.47 -0.35
N CYS B 183 -9.81 11.41 -1.00
CA CYS B 183 -11.04 10.70 -0.62
C CYS B 183 -10.71 9.21 -0.52
N SER B 184 -10.93 8.62 0.66
CA SER B 184 -10.65 7.19 0.88
C SER B 184 -9.22 6.83 0.49
N GLY B 185 -8.28 7.71 0.83
CA GLY B 185 -6.87 7.47 0.57
C GLY B 185 -6.44 7.56 -0.89
N LYS B 186 -7.29 8.14 -1.74
CA LYS B 186 -6.91 8.32 -3.15
C LYS B 186 -6.96 9.81 -3.50
N LEU B 187 -6.04 10.25 -4.35
CA LEU B 187 -6.05 11.65 -4.81
C LEU B 187 -7.13 11.82 -5.89
N GLN B 188 -8.25 12.44 -5.54
CA GLN B 188 -9.37 12.59 -6.48
C GLN B 188 -9.46 13.99 -7.06
N GLY B 189 -8.90 14.96 -6.35
CA GLY B 189 -9.06 16.34 -6.79
C GLY B 189 -7.83 17.21 -6.60
N ILE B 190 -7.79 18.30 -7.35
CA ILE B 190 -6.74 19.33 -7.22
C ILE B 190 -7.43 20.67 -7.02
N VAL B 191 -7.04 21.42 -6.00
CA VAL B 191 -7.64 22.73 -5.74
C VAL B 191 -7.45 23.62 -6.98
N SER B 192 -8.53 24.20 -7.49
CA SER B 192 -8.44 24.91 -8.75
C SER B 192 -9.07 26.30 -8.66
N TRP B 193 -10.40 26.36 -8.58
CA TRP B 193 -11.03 27.69 -8.62
C TRP B 193 -12.35 27.77 -7.90
N GLY B 194 -12.90 28.99 -7.88
CA GLY B 194 -14.24 29.23 -7.35
C GLY B 194 -14.52 30.72 -7.39
N SER B 195 -15.73 31.12 -7.06
CA SER B 195 -16.06 32.54 -7.01
CA SER B 195 -16.05 32.54 -7.02
C SER B 195 -15.77 33.06 -5.62
N GLY B 196 -14.59 33.67 -5.44
CA GLY B 196 -14.15 34.08 -4.11
C GLY B 196 -13.95 32.81 -3.30
N CYS B 197 -13.99 32.93 -1.97
CA CYS B 197 -13.80 31.78 -1.07
C CYS B 197 -14.90 31.72 -0.02
N ALA B 198 -15.43 30.51 0.20
CA ALA B 198 -16.39 30.24 1.27
C ALA B 198 -17.69 31.02 1.17
N GLN B 199 -18.05 31.46 -0.04
CA GLN B 199 -19.27 32.26 -0.20
C GLN B 199 -20.47 31.35 -0.41
N LYS B 200 -21.64 31.81 0.03
CA LYS B 200 -22.84 31.00 -0.10
C LYS B 200 -23.09 30.68 -1.56
N ASN B 201 -23.43 29.42 -1.82
CA ASN B 201 -23.79 28.93 -3.16
C ASN B 201 -22.65 28.97 -4.17
N LYS B 202 -21.42 29.10 -3.66
CA LYS B 202 -20.22 29.17 -4.50
C LYS B 202 -19.13 28.25 -3.95
N PRO B 203 -19.33 26.93 -4.09
CA PRO B 203 -18.38 25.97 -3.52
C PRO B 203 -17.10 25.92 -4.35
N GLY B 204 -16.07 25.27 -3.81
CA GLY B 204 -14.85 25.13 -4.58
C GLY B 204 -15.04 24.22 -5.77
N VAL B 205 -14.29 24.49 -6.84
CA VAL B 205 -14.25 23.65 -8.04
C VAL B 205 -12.86 23.03 -8.12
N TYR B 206 -12.80 21.72 -8.40
CA TYR B 206 -11.57 20.95 -8.31
C TYR B 206 -11.36 20.14 -9.58
N THR B 207 -10.11 19.95 -9.97
CA THR B 207 -9.82 19.12 -11.15
C THR B 207 -10.06 17.65 -10.82
N LYS B 208 -10.76 16.95 -11.71
CA LYS B 208 -11.17 15.56 -11.50
C LYS B 208 -10.04 14.59 -11.92
N VAL B 209 -9.19 14.25 -10.96
CA VAL B 209 -7.93 13.54 -11.19
C VAL B 209 -8.12 12.17 -11.82
N CYS B 210 -9.22 11.52 -11.46
CA CYS B 210 -9.51 10.19 -12.01
C CYS B 210 -9.53 10.15 -13.53
N ASN B 211 -9.88 11.27 -14.17
CA ASN B 211 -9.85 11.34 -15.64
C ASN B 211 -8.46 11.42 -16.26
N TYR B 212 -7.42 11.53 -15.42
CA TYR B 212 -6.08 11.82 -15.89
C TYR B 212 -5.11 10.73 -15.54
N VAL B 213 -5.59 9.63 -14.99
CA VAL B 213 -4.63 8.59 -14.59
C VAL B 213 -3.81 8.02 -15.76
N SER B 214 -4.44 7.79 -16.91
CA SER B 214 -3.67 7.33 -18.07
C SER B 214 -2.62 8.34 -18.51
N TRP B 215 -3.01 9.61 -18.57
CA TRP B 215 -2.07 10.67 -18.92
C TRP B 215 -0.89 10.74 -17.94
N ILE B 216 -1.20 10.67 -16.64
CA ILE B 216 -0.14 10.70 -15.64
C ILE B 216 0.84 9.54 -15.82
N LYS B 217 0.33 8.31 -15.92
CA LYS B 217 1.16 7.15 -16.16
C LYS B 217 2.02 7.26 -17.43
N GLN B 218 1.40 7.70 -18.53
CA GLN B 218 2.15 7.83 -19.79
C GLN B 218 3.23 8.92 -19.67
N THR B 219 2.88 10.02 -19.02
CA THR B 219 3.82 11.13 -18.92
C THR B 219 5.02 10.75 -18.05
N ILE B 220 4.78 10.04 -16.95
CA ILE B 220 5.89 9.63 -16.10
C ILE B 220 6.79 8.64 -16.85
N ALA B 221 6.16 7.76 -17.60
CA ALA B 221 6.89 6.74 -18.36
C ALA B 221 7.77 7.32 -19.45
N SER B 222 7.36 8.46 -20.00
CA SER B 222 8.02 9.07 -21.15
C SER B 222 8.99 10.19 -20.78
N ASN B 223 9.06 10.50 -19.48
CA ASN B 223 9.84 11.64 -19.00
C ASN B 223 10.75 11.32 -17.82
N ILE C 1 20.23 -13.51 16.48
CA ILE C 1 21.10 -12.61 17.27
C ILE C 1 21.33 -13.19 18.66
N VAL C 2 22.61 -13.33 19.04
CA VAL C 2 23.01 -13.90 20.31
C VAL C 2 23.53 -12.78 21.20
N GLY C 3 23.10 -12.76 22.46
CA GLY C 3 23.60 -11.77 23.40
C GLY C 3 23.04 -10.38 23.17
N GLY C 4 21.96 -10.31 22.41
CA GLY C 4 21.33 -9.05 22.10
C GLY C 4 20.09 -8.81 22.94
N TYR C 5 19.24 -7.90 22.47
CA TYR C 5 18.00 -7.53 23.18
C TYR C 5 16.78 -7.44 22.24
N THR C 6 15.58 -7.60 22.79
CA THR C 6 14.35 -7.38 22.03
C THR C 6 14.29 -5.92 21.55
N CYS C 7 14.36 -5.70 20.23
CA CYS C 7 14.47 -4.35 19.69
C CYS C 7 13.35 -3.47 20.19
N GLY C 8 12.15 -4.02 20.13
CA GLY C 8 10.94 -3.22 20.30
C GLY C 8 10.30 -3.10 18.92
N ALA C 9 8.96 -3.13 18.89
CA ALA C 9 8.18 -3.15 17.63
C ALA C 9 8.52 -2.01 16.66
N ASN C 10 8.96 -2.38 15.46
CA ASN C 10 9.25 -1.42 14.41
C ASN C 10 10.29 -0.34 14.80
N THR C 11 11.17 -0.67 15.73
CA THR C 11 12.23 0.29 16.13
C THR C 11 13.42 0.21 15.19
N VAL C 12 13.38 -0.78 14.29
CA VAL C 12 14.36 -0.91 13.23
C VAL C 12 13.60 -0.96 11.91
N PRO C 13 13.08 0.19 11.47
CA PRO C 13 12.04 0.20 10.44
C PRO C 13 12.52 -0.17 9.04
N TYR C 14 13.84 -0.23 8.85
CA TYR C 14 14.40 -0.66 7.57
C TYR C 14 14.60 -2.18 7.48
N GLN C 15 14.39 -2.91 8.58
CA GLN C 15 14.63 -4.36 8.59
C GLN C 15 13.48 -5.05 7.85
N VAL C 16 13.82 -5.88 6.87
CA VAL C 16 12.78 -6.70 6.24
C VAL C 16 13.10 -8.18 6.47
N SER C 17 12.07 -9.00 6.27
CA SER C 17 12.22 -10.47 6.25
C SER C 17 12.00 -10.95 4.81
N LEU C 18 12.91 -11.80 4.32
CA LEU C 18 12.72 -12.47 3.04
C LEU C 18 12.04 -13.79 3.36
N ASN C 19 10.94 -14.07 2.68
CA ASN C 19 10.06 -15.13 3.07
C ASN C 19 9.79 -16.04 1.86
N SER C 20 9.78 -17.35 2.09
N SER C 20 9.78 -17.35 2.09
CA SER C 20 9.32 -18.31 1.09
CA SER C 20 9.30 -18.29 1.08
C SER C 20 8.39 -19.30 1.76
C SER C 20 8.39 -19.29 1.75
N GLY C 21 7.26 -18.79 2.24
CA GLY C 21 6.44 -19.55 3.17
C GLY C 21 6.78 -19.05 4.56
N TYR C 22 8.03 -19.28 4.97
CA TYR C 22 8.54 -18.83 6.26
C TYR C 22 9.77 -17.93 6.08
N HIS C 23 10.11 -17.19 7.13
CA HIS C 23 11.31 -16.35 7.15
C HIS C 23 12.58 -17.18 6.90
N PHE C 24 13.41 -16.73 5.97
CA PHE C 24 14.69 -17.43 5.80
C PHE C 24 15.94 -16.53 5.77
N CYS C 25 15.76 -15.23 5.61
CA CYS C 25 16.90 -14.30 5.56
C CYS C 25 16.38 -12.94 5.93
N GLY C 26 17.27 -12.07 6.39
CA GLY C 26 16.95 -10.66 6.56
C GLY C 26 17.29 -9.85 5.31
N GLY C 27 16.99 -8.56 5.34
CA GLY C 27 17.33 -7.65 4.28
C GLY C 27 17.16 -6.24 4.81
N SER C 28 17.58 -5.27 4.01
CA SER C 28 17.49 -3.85 4.38
C SER C 28 16.78 -3.11 3.26
N LEU C 29 15.73 -2.36 3.61
CA LEU C 29 15.07 -1.52 2.60
C LEU C 29 15.89 -0.24 2.35
N ILE C 30 16.26 0.02 1.10
CA ILE C 30 17.14 1.15 0.82
C ILE C 30 16.43 2.27 0.05
N ASN C 31 15.32 1.95 -0.58
CA ASN C 31 14.36 2.95 -1.07
C ASN C 31 13.00 2.25 -1.14
N SER C 32 12.00 2.93 -1.66
CA SER C 32 10.67 2.34 -1.70
C SER C 32 10.52 1.10 -2.60
N GLN C 33 11.51 0.81 -3.46
CA GLN C 33 11.34 -0.32 -4.37
C GLN C 33 12.49 -1.35 -4.40
N TRP C 34 13.49 -1.15 -3.53
CA TRP C 34 14.72 -1.97 -3.53
C TRP C 34 15.17 -2.40 -2.13
N VAL C 35 15.65 -3.64 -2.04
CA VAL C 35 16.12 -4.23 -0.79
C VAL C 35 17.52 -4.77 -1.05
N VAL C 36 18.41 -4.58 -0.09
CA VAL C 36 19.73 -5.22 -0.11
C VAL C 36 19.73 -6.42 0.83
N SER C 37 20.30 -7.52 0.36
CA SER C 37 20.46 -8.72 1.17
C SER C 37 21.75 -9.39 0.75
N ALA C 38 21.96 -10.64 1.17
CA ALA C 38 23.16 -11.40 0.83
C ALA C 38 22.93 -12.20 -0.46
N ALA C 39 23.97 -12.34 -1.28
CA ALA C 39 23.85 -13.16 -2.49
C ALA C 39 23.53 -14.61 -2.11
N HIS C 40 24.04 -15.06 -0.97
CA HIS C 40 23.81 -16.45 -0.57
C HIS C 40 22.36 -16.71 -0.12
N CYS C 41 21.58 -15.65 -0.03
CA CYS C 41 20.16 -15.77 0.29
C CYS C 41 19.31 -15.93 -0.98
N TYR C 42 19.94 -15.98 -2.15
CA TYR C 42 19.18 -16.04 -3.40
C TYR C 42 18.32 -17.30 -3.54
N LYS C 43 17.06 -17.08 -3.91
CA LYS C 43 16.06 -18.14 -4.01
C LYS C 43 15.02 -17.55 -4.98
N SER C 44 14.43 -18.35 -5.84
CA SER C 44 13.31 -17.83 -6.64
C SER C 44 12.06 -17.76 -5.75
N GLY C 45 11.09 -16.94 -6.15
CA GLY C 45 9.83 -16.83 -5.44
C GLY C 45 9.88 -16.13 -4.09
N ILE C 46 10.83 -15.22 -3.89
CA ILE C 46 10.90 -14.55 -2.60
C ILE C 46 9.74 -13.58 -2.44
N GLN C 47 9.16 -13.55 -1.24
CA GLN C 47 8.26 -12.46 -0.87
C GLN C 47 9.01 -11.62 0.14
N VAL C 48 8.94 -10.30 0.00
CA VAL C 48 9.52 -9.42 0.99
C VAL C 48 8.46 -9.00 2.02
N ARG C 49 8.77 -9.19 3.30
CA ARG C 49 7.87 -8.72 4.35
C ARG C 49 8.46 -7.54 5.08
N LEU C 50 7.79 -6.41 4.94
CA LEU C 50 8.18 -5.17 5.60
C LEU C 50 7.29 -4.87 6.79
N GLY C 51 7.77 -4.06 7.74
CA GLY C 51 6.93 -3.61 8.83
C GLY C 51 6.74 -4.67 9.89
N GLU C 52 7.54 -5.73 9.80
CA GLU C 52 7.45 -6.85 10.74
C GLU C 52 8.06 -6.60 12.11
N ASP C 53 7.40 -7.11 13.14
CA ASP C 53 8.06 -7.32 14.42
C ASP C 53 7.92 -8.77 14.82
N ASN C 54 6.75 -9.14 15.30
CA ASN C 54 6.49 -10.55 15.53
C ASN C 54 6.25 -11.23 14.22
N ILE C 55 7.18 -12.07 13.79
CA ILE C 55 7.13 -12.63 12.46
C ILE C 55 5.97 -13.63 12.26
N ASN C 56 5.39 -14.09 13.37
CA ASN C 56 4.30 -15.07 13.29
C ASN C 56 2.85 -14.55 13.51
N VAL C 57 2.69 -13.30 13.91
CA VAL C 57 1.38 -12.77 14.25
C VAL C 57 1.14 -11.53 13.44
N VAL C 58 -0.02 -11.34 12.82
CA VAL C 58 -0.23 -10.10 12.09
C VAL C 58 -0.47 -8.97 13.08
N GLU C 59 0.38 -7.96 13.07
CA GLU C 59 0.22 -6.87 14.04
C GLU C 59 -0.30 -5.58 13.45
N GLY C 60 -0.32 -5.50 12.13
CA GLY C 60 -1.04 -4.43 11.49
C GLY C 60 -0.21 -3.48 10.66
N ASN C 61 1.10 -3.55 10.82
CA ASN C 61 1.96 -2.65 10.10
C ASN C 61 2.74 -3.33 8.98
N GLU C 62 2.42 -4.60 8.75
CA GLU C 62 3.10 -5.37 7.72
C GLU C 62 2.75 -4.94 6.31
N GLN C 63 3.71 -5.06 5.41
CA GLN C 63 3.42 -5.08 3.97
C GLN C 63 4.06 -6.33 3.36
N PHE C 64 3.33 -7.04 2.49
CA PHE C 64 3.80 -8.27 1.88
C PHE C 64 3.92 -8.06 0.38
N ILE C 65 5.14 -7.99 -0.13
CA ILE C 65 5.33 -7.65 -1.54
C ILE C 65 6.28 -8.62 -2.22
N SER C 66 5.89 -9.14 -3.37
CA SER C 66 6.70 -10.12 -4.09
C SER C 66 7.94 -9.48 -4.69
N ALA C 67 9.04 -10.22 -4.74
CA ALA C 67 10.22 -9.75 -5.44
C ALA C 67 9.95 -9.91 -6.93
N SER C 68 10.14 -8.83 -7.69
CA SER C 68 9.98 -8.93 -9.14
C SER C 68 11.31 -9.25 -9.79
N LYS C 69 12.39 -8.74 -9.18
CA LYS C 69 13.74 -9.06 -9.64
C LYS C 69 14.65 -9.37 -8.46
N SER C 70 15.53 -10.36 -8.64
CA SER C 70 16.54 -10.67 -7.64
C SER C 70 17.88 -10.76 -8.35
N ILE C 71 18.76 -9.82 -8.03
CA ILE C 71 19.98 -9.67 -8.80
C ILE C 71 21.16 -9.90 -7.89
N VAL C 72 21.79 -11.05 -8.04
CA VAL C 72 23.00 -11.39 -7.30
C VAL C 72 24.19 -10.68 -7.93
N HIS C 73 25.12 -10.18 -7.13
CA HIS C 73 26.30 -9.53 -7.68
C HIS C 73 26.95 -10.47 -8.69
N PRO C 74 27.30 -9.94 -9.86
CA PRO C 74 27.71 -10.84 -10.93
C PRO C 74 29.03 -11.56 -10.66
N SER C 75 29.83 -11.05 -9.72
CA SER C 75 31.07 -11.75 -9.34
C SER C 75 31.01 -12.34 -7.93
N TYR C 76 29.81 -12.63 -7.45
CA TYR C 76 29.66 -13.43 -6.24
C TYR C 76 30.41 -14.76 -6.40
N ASN C 77 31.18 -15.10 -5.37
CA ASN C 77 31.97 -16.33 -5.33
C ASN C 77 31.43 -17.16 -4.18
N SER C 78 30.75 -18.26 -4.51
CA SER C 78 30.10 -19.07 -3.47
C SER C 78 31.08 -19.91 -2.63
N ASN C 79 32.31 -20.03 -3.11
CA ASN C 79 33.38 -20.76 -2.42
C ASN C 79 34.12 -19.87 -1.41
N THR C 80 34.36 -18.62 -1.79
CA THR C 80 35.08 -17.67 -0.93
C THR C 80 34.19 -16.66 -0.23
N LEU C 81 32.94 -16.56 -0.70
CA LEU C 81 31.92 -15.61 -0.19
C LEU C 81 32.26 -14.16 -0.50
N ASN C 82 33.19 -13.96 -1.42
CA ASN C 82 33.47 -12.62 -1.92
C ASN C 82 32.28 -12.06 -2.72
N ASN C 83 31.98 -10.76 -2.52
CA ASN C 83 30.87 -10.10 -3.18
C ASN C 83 29.53 -10.72 -2.79
N ASP C 84 29.36 -10.99 -1.50
CA ASP C 84 28.11 -11.59 -1.00
C ASP C 84 27.01 -10.52 -0.82
N ILE C 85 26.49 -10.06 -1.96
CA ILE C 85 25.45 -9.02 -1.97
C ILE C 85 24.44 -9.29 -3.07
N MET C 86 23.18 -8.98 -2.78
CA MET C 86 22.10 -9.18 -3.75
C MET C 86 21.17 -7.99 -3.63
N LEU C 87 20.65 -7.55 -4.76
CA LEU C 87 19.63 -6.51 -4.79
C LEU C 87 18.28 -7.11 -5.18
N ILE C 88 17.24 -6.81 -4.39
CA ILE C 88 15.91 -7.29 -4.74
C ILE C 88 15.00 -6.11 -5.07
N LYS C 89 14.36 -6.20 -6.22
CA LYS C 89 13.34 -5.21 -6.58
C LYS C 89 11.94 -5.68 -6.24
N LEU C 90 11.21 -4.85 -5.52
CA LEU C 90 9.83 -5.12 -5.17
C LEU C 90 8.91 -4.92 -6.37
N LYS C 91 7.94 -5.82 -6.53
CA LYS C 91 6.93 -5.75 -7.58
C LYS C 91 6.19 -4.40 -7.59
N SER C 92 5.91 -3.89 -6.39
CA SER C 92 5.27 -2.58 -6.25
C SER C 92 5.97 -1.80 -5.16
N ALA C 93 5.85 -0.48 -5.22
CA ALA C 93 6.51 0.37 -4.25
C ALA C 93 5.90 0.14 -2.86
N ALA C 94 6.76 -0.02 -1.87
CA ALA C 94 6.29 -0.06 -0.49
C ALA C 94 5.78 1.31 -0.08
N SER C 95 4.87 1.33 0.89
CA SER C 95 4.37 2.57 1.46
C SER C 95 5.20 2.94 2.68
N LEU C 96 6.07 3.94 2.55
CA LEU C 96 6.94 4.29 3.68
C LEU C 96 6.22 5.11 4.76
N ASN C 97 6.45 4.72 6.01
CA ASN C 97 5.79 5.33 7.17
C ASN C 97 6.68 5.18 8.41
N SER C 98 6.16 5.54 9.59
CA SER C 98 6.99 5.51 10.81
C SER C 98 7.52 4.11 11.12
N ARG C 99 6.84 3.09 10.60
CA ARG C 99 7.21 1.70 10.88
C ARG C 99 7.87 0.96 9.70
N VAL C 100 7.85 1.60 8.52
CA VAL C 100 8.49 1.06 7.30
C VAL C 100 9.34 2.16 6.64
N ALA C 101 10.66 2.06 6.80
CA ALA C 101 11.58 3.14 6.40
C ALA C 101 12.79 2.61 5.61
N SER C 102 13.42 3.47 4.83
CA SER C 102 14.63 3.10 4.13
C SER C 102 15.84 3.47 4.98
N ILE C 103 16.96 2.83 4.73
CA ILE C 103 18.20 3.20 5.40
C ILE C 103 19.12 3.78 4.34
N SER C 104 19.90 4.79 4.71
CA SER C 104 20.84 5.41 3.80
C SER C 104 22.04 4.52 3.50
N LEU C 105 22.48 4.56 2.25
CA LEU C 105 23.74 3.97 1.84
C LEU C 105 24.89 4.86 2.33
N PRO C 106 26.07 4.26 2.53
CA PRO C 106 27.24 4.98 3.03
C PRO C 106 27.80 5.97 2.00
N THR C 107 28.39 7.05 2.47
CA THR C 107 29.16 7.92 1.58
C THR C 107 30.63 7.45 1.58
N SER C 108 31.10 7.04 2.76
N SER C 108 31.09 7.03 2.75
CA SER C 108 32.44 6.50 2.94
CA SER C 108 32.44 6.47 2.88
C SER C 108 32.36 5.22 3.78
C SER C 108 32.38 5.24 3.79
N CYS C 109 33.41 4.41 3.72
CA CYS C 109 33.48 3.23 4.59
C CYS C 109 33.68 3.67 6.04
N ALA C 110 33.17 2.88 6.97
CA ALA C 110 33.34 3.16 8.38
C ALA C 110 34.69 2.68 8.90
N SER C 111 35.09 3.23 10.06
CA SER C 111 36.40 2.97 10.62
C SER C 111 36.29 2.00 11.78
N ALA C 112 37.40 1.32 12.05
CA ALA C 112 37.48 0.44 13.20
C ALA C 112 37.04 1.18 14.45
N GLY C 113 36.23 0.51 15.28
CA GLY C 113 35.77 1.09 16.54
C GLY C 113 34.38 1.69 16.51
N THR C 114 33.90 2.05 15.32
CA THR C 114 32.55 2.59 15.16
C THR C 114 31.49 1.60 15.67
N GLN C 115 30.51 2.11 16.42
CA GLN C 115 29.43 1.28 16.92
C GLN C 115 28.33 1.10 15.87
N CYS C 116 27.83 -0.12 15.77
CA CYS C 116 26.79 -0.43 14.79
C CYS C 116 25.64 -1.16 15.42
N LEU C 117 24.51 -1.19 14.71
CA LEU C 117 23.35 -1.96 15.13
C LEU C 117 23.12 -3.09 14.12
N ILE C 118 23.14 -4.32 14.62
CA ILE C 118 22.88 -5.49 13.81
C ILE C 118 21.58 -6.11 14.31
N SER C 119 20.71 -6.56 13.41
CA SER C 119 19.36 -6.98 13.81
C SER C 119 18.86 -8.17 13.01
N GLY C 120 17.94 -8.94 13.59
CA GLY C 120 17.37 -10.06 12.86
C GLY C 120 16.55 -11.01 13.67
N TRP C 121 15.95 -11.99 12.98
CA TRP C 121 15.15 -13.04 13.61
C TRP C 121 15.88 -14.37 13.70
N GLY C 122 17.22 -14.32 13.79
CA GLY C 122 18.03 -15.52 13.84
C GLY C 122 18.07 -16.21 15.19
N ASN C 123 18.81 -17.31 15.25
CA ASN C 123 19.02 -18.03 16.50
C ASN C 123 19.54 -17.08 17.59
N THR C 124 19.07 -17.28 18.81
CA THR C 124 19.52 -16.48 19.94
C THR C 124 20.44 -17.28 20.86
N LYS C 125 20.64 -18.55 20.55
CA LYS C 125 21.52 -19.38 21.37
C LYS C 125 22.84 -19.69 20.67
N SER C 126 23.93 -19.49 21.42
CA SER C 126 25.25 -19.84 20.93
C SER C 126 25.34 -21.36 20.89
N SER C 127 24.65 -22.00 21.82
CA SER C 127 24.54 -23.45 21.85
C SER C 127 23.08 -23.87 21.79
N GLY C 128 22.76 -24.77 20.86
CA GLY C 128 21.39 -25.17 20.66
C GLY C 128 20.70 -24.16 19.77
N THR C 129 19.37 -24.20 19.77
CA THR C 129 18.58 -23.43 18.82
C THR C 129 17.31 -22.85 19.43
N SER C 130 17.27 -21.53 19.55
CA SER C 130 16.09 -20.83 20.04
C SER C 130 15.72 -19.72 19.03
N TYR C 131 14.50 -19.80 18.50
CA TYR C 131 14.03 -18.91 17.43
C TYR C 131 13.02 -17.89 17.96
N PRO C 132 13.39 -16.61 17.91
CA PRO C 132 12.60 -15.53 18.49
C PRO C 132 11.47 -15.12 17.56
N ASP C 133 10.28 -14.92 18.11
N ASP C 133 10.28 -14.93 18.10
CA ASP C 133 9.20 -14.44 17.27
CA ASP C 133 9.16 -14.43 17.31
C ASP C 133 9.33 -12.95 16.96
C ASP C 133 9.37 -12.96 16.95
N VAL C 134 9.92 -12.19 17.88
CA VAL C 134 10.14 -10.76 17.65
C VAL C 134 11.58 -10.43 17.28
N LEU C 135 11.78 -9.25 16.68
CA LEU C 135 13.06 -8.88 16.15
C LEU C 135 14.07 -8.61 17.26
N LYS C 136 15.28 -9.13 17.08
CA LYS C 136 16.34 -8.92 18.06
C LYS C 136 17.42 -7.96 17.54
N CYS C 137 18.04 -7.25 18.48
CA CYS C 137 18.99 -6.20 18.16
C CYS C 137 20.29 -6.41 18.91
N LEU C 138 21.38 -5.96 18.31
CA LEU C 138 22.70 -6.06 18.96
C LEU C 138 23.58 -4.86 18.62
N LYS C 139 24.14 -4.23 19.65
CA LYS C 139 25.15 -3.20 19.41
C LYS C 139 26.57 -3.78 19.42
N ALA C 140 27.32 -3.49 18.36
CA ALA C 140 28.64 -4.12 18.17
C ALA C 140 29.58 -3.24 17.36
N PRO C 141 30.87 -3.21 17.73
CA PRO C 141 31.80 -2.36 17.02
C PRO C 141 32.44 -3.04 15.83
N ILE C 142 32.75 -2.25 14.81
CA ILE C 142 33.63 -2.71 13.75
C ILE C 142 35.03 -3.01 14.32
N LEU C 143 35.61 -4.14 13.91
CA LEU C 143 36.92 -4.55 14.40
C LEU C 143 37.96 -4.16 13.35
N SER C 144 39.20 -3.97 13.78
N SER C 144 39.21 -4.02 13.77
CA SER C 144 40.28 -3.65 12.83
CA SER C 144 40.29 -3.70 12.85
C SER C 144 40.46 -4.78 11.81
C SER C 144 40.43 -4.79 11.80
N ASP C 145 40.87 -4.39 10.61
CA ASP C 145 41.17 -5.34 9.55
C ASP C 145 42.20 -6.37 10.03
N SER C 146 43.21 -5.91 10.78
CA SER C 146 44.21 -6.82 11.29
C SER C 146 43.64 -7.89 12.22
N SER C 147 42.74 -7.51 13.13
CA SER C 147 42.15 -8.49 14.04
C SER C 147 41.19 -9.40 13.28
N CYS C 148 40.62 -8.86 12.21
CA CYS C 148 39.70 -9.63 11.40
C CYS C 148 40.51 -10.70 10.70
N LYS C 149 41.66 -10.32 10.16
CA LYS C 149 42.52 -11.26 9.44
C LYS C 149 43.14 -12.28 10.38
N SER C 150 43.43 -11.86 11.61
CA SER C 150 43.97 -12.79 12.59
C SER C 150 42.92 -13.79 13.05
N ALA C 151 41.65 -13.36 13.04
CA ALA C 151 40.53 -14.23 13.42
C ALA C 151 40.26 -15.29 12.34
N TYR C 152 40.33 -14.85 11.09
CA TYR C 152 40.09 -15.72 9.93
C TYR C 152 41.25 -15.67 8.93
N PRO C 153 42.40 -16.27 9.29
CA PRO C 153 43.56 -16.19 8.40
C PRO C 153 43.28 -16.78 7.01
N GLY C 154 43.68 -16.05 5.97
CA GLY C 154 43.56 -16.52 4.61
C GLY C 154 42.13 -16.55 4.07
N GLN C 155 41.20 -15.89 4.75
CA GLN C 155 39.78 -15.95 4.34
C GLN C 155 39.08 -14.59 4.15
N ILE C 156 39.73 -13.51 4.59
CA ILE C 156 39.09 -12.20 4.52
C ILE C 156 39.48 -11.45 3.26
N THR C 157 38.49 -11.09 2.46
CA THR C 157 38.72 -10.29 1.26
C THR C 157 38.54 -8.81 1.59
N SER C 158 38.92 -7.94 0.67
CA SER C 158 38.77 -6.50 0.88
C SER C 158 37.31 -6.07 0.90
N ASN C 159 36.42 -6.99 0.57
CA ASN C 159 34.99 -6.71 0.57
C ASN C 159 34.28 -7.31 1.78
N MET C 160 35.05 -7.55 2.84
CA MET C 160 34.50 -8.05 4.09
C MET C 160 35.05 -7.26 5.26
N PHE C 161 34.31 -7.25 6.36
CA PHE C 161 34.85 -6.72 7.61
C PHE C 161 34.23 -7.49 8.78
N CYS C 162 34.92 -7.51 9.90
CA CYS C 162 34.46 -8.20 11.10
C CYS C 162 33.84 -7.18 12.03
N ALA C 163 32.79 -7.56 12.74
CA ALA C 163 32.23 -6.69 13.76
C ALA C 163 31.79 -7.57 14.90
N GLY C 164 31.84 -7.05 16.12
CA GLY C 164 31.46 -7.87 17.26
C GLY C 164 32.53 -7.87 18.34
N TYR C 165 32.61 -8.98 19.04
CA TYR C 165 33.43 -9.06 20.24
C TYR C 165 34.32 -10.27 20.21
N LEU C 166 35.63 -10.03 20.26
CA LEU C 166 36.58 -11.13 20.29
C LEU C 166 36.38 -12.02 21.51
N GLU C 167 35.83 -11.45 22.59
CA GLU C 167 35.51 -12.22 23.80
C GLU C 167 34.35 -13.19 23.59
N GLY C 168 33.65 -13.07 22.47
CA GLY C 168 32.49 -13.89 22.21
C GLY C 168 31.27 -13.41 23.00
N GLY C 169 30.20 -14.19 22.99
CA GLY C 169 29.03 -13.85 23.79
C GLY C 169 27.96 -13.06 23.08
N LYS C 170 28.36 -12.31 22.04
CA LYS C 170 27.49 -11.35 21.36
C LYS C 170 27.80 -11.41 19.88
N ASP C 171 26.80 -11.68 19.04
CA ASP C 171 27.07 -11.92 17.61
C ASP C 171 25.77 -12.08 16.86
N SER C 172 25.84 -12.00 15.53
CA SER C 172 24.70 -12.47 14.72
C SER C 172 24.79 -13.99 14.54
N CYS C 173 23.76 -14.60 13.95
CA CYS C 173 23.67 -16.04 13.95
C CYS C 173 22.79 -16.52 12.80
N GLN C 174 22.65 -17.84 12.66
CA GLN C 174 21.88 -18.39 11.53
C GLN C 174 20.44 -17.92 11.64
N GLY C 175 19.91 -17.48 10.50
CA GLY C 175 18.60 -16.87 10.44
C GLY C 175 18.74 -15.36 10.29
N ASP C 176 19.93 -14.84 10.58
CA ASP C 176 20.16 -13.40 10.45
C ASP C 176 20.77 -13.03 9.10
N SER C 177 21.23 -14.02 8.33
CA SER C 177 21.84 -13.77 7.02
C SER C 177 21.09 -12.74 6.21
N GLY C 178 21.86 -11.82 5.62
CA GLY C 178 21.33 -10.82 4.71
C GLY C 178 20.87 -9.55 5.42
N GLY C 179 20.84 -9.58 6.74
CA GLY C 179 20.29 -8.49 7.53
C GLY C 179 21.25 -7.34 7.60
N PRO C 180 20.79 -6.24 8.19
CA PRO C 180 21.58 -4.99 8.22
C PRO C 180 22.65 -4.90 9.31
N VAL C 181 23.74 -4.22 8.95
CA VAL C 181 24.68 -3.68 9.93
C VAL C 181 24.69 -2.19 9.70
N VAL C 182 24.17 -1.45 10.68
CA VAL C 182 23.98 -0.03 10.48
C VAL C 182 24.79 0.75 11.49
N CYS C 183 25.58 1.70 10.98
CA CYS C 183 26.48 2.50 11.81
C CYS C 183 26.29 3.98 11.47
N SER C 184 25.95 4.77 12.48
CA SER C 184 25.65 6.20 12.29
C SER C 184 24.60 6.40 11.20
N GLY C 185 23.54 5.61 11.23
CA GLY C 185 22.50 5.71 10.22
C GLY C 185 22.85 5.36 8.78
N LYS C 186 23.97 4.66 8.55
CA LYS C 186 24.29 4.17 7.21
C LYS C 186 24.43 2.65 7.22
N LEU C 187 23.95 2.04 6.15
CA LEU C 187 24.08 0.60 5.96
C LEU C 187 25.53 0.30 5.56
N GLN C 188 26.32 -0.17 6.51
CA GLN C 188 27.71 -0.48 6.22
C GLN C 188 27.93 -1.97 5.94
N GLY C 189 27.14 -2.84 6.55
CA GLY C 189 27.38 -4.26 6.42
C GLY C 189 26.13 -5.07 6.15
N ILE C 190 26.33 -6.31 5.69
CA ILE C 190 25.24 -7.26 5.45
C ILE C 190 25.66 -8.53 6.16
N VAL C 191 24.77 -9.11 6.96
CA VAL C 191 25.12 -10.34 7.71
C VAL C 191 25.50 -11.43 6.72
N SER C 192 26.70 -11.99 6.84
CA SER C 192 27.15 -12.93 5.83
C SER C 192 27.56 -14.27 6.43
N TRP C 193 28.69 -14.30 7.14
CA TRP C 193 29.18 -15.57 7.66
C TRP C 193 30.01 -15.45 8.93
N GLY C 194 30.47 -16.59 9.43
CA GLY C 194 31.34 -16.65 10.60
C GLY C 194 31.56 -18.09 10.96
N SER C 195 32.45 -18.35 11.91
CA SER C 195 32.64 -19.70 12.41
CA SER C 195 32.64 -19.70 12.41
C SER C 195 31.79 -19.88 13.66
N GLY C 196 30.67 -20.60 13.51
CA GLY C 196 29.69 -20.73 14.57
C GLY C 196 29.11 -19.36 14.90
N CYS C 197 28.59 -19.18 16.11
CA CYS C 197 28.05 -17.89 16.53
C CYS C 197 28.56 -17.53 17.92
N ALA C 198 28.93 -16.27 18.10
CA ALA C 198 29.35 -15.72 19.41
C ALA C 198 30.47 -16.51 20.08
N GLN C 199 31.32 -17.15 19.28
CA GLN C 199 32.46 -17.89 19.84
C GLN C 199 33.63 -16.94 19.97
N LYS C 200 34.51 -17.21 20.92
CA LYS C 200 35.64 -16.31 21.11
C LYS C 200 36.54 -16.38 19.89
N ASN C 201 37.10 -15.22 19.54
CA ASN C 201 38.02 -15.05 18.41
C ASN C 201 37.40 -15.33 17.06
N LYS C 202 36.08 -15.42 17.05
CA LYS C 202 35.34 -15.70 15.82
C LYS C 202 34.19 -14.74 15.65
N PRO C 203 34.50 -13.45 15.38
CA PRO C 203 33.42 -12.48 15.20
C PRO C 203 32.66 -12.73 13.89
N GLY C 204 31.51 -12.09 13.76
CA GLY C 204 30.80 -12.10 12.49
C GLY C 204 31.61 -11.43 11.40
N VAL C 205 31.48 -11.95 10.18
CA VAL C 205 32.05 -11.34 8.99
C VAL C 205 30.92 -10.82 8.15
N TYR C 206 31.07 -9.61 7.64
CA TYR C 206 29.97 -8.89 7.01
C TYR C 206 30.40 -8.34 5.66
N THR C 207 29.49 -8.34 4.70
CA THR C 207 29.75 -7.75 3.40
C THR C 207 29.95 -6.25 3.57
N LYS C 208 31.07 -5.73 3.08
CA LYS C 208 31.39 -4.29 3.20
C LYS C 208 30.62 -3.44 2.18
N VAL C 209 29.42 -2.96 2.54
CA VAL C 209 28.53 -2.27 1.57
C VAL C 209 29.14 -1.06 0.86
N CYS C 210 29.96 -0.30 1.58
CA CYS C 210 30.59 0.89 1.00
C CYS C 210 31.34 0.65 -0.32
N ASN C 211 31.80 -0.58 -0.56
CA ASN C 211 32.42 -0.90 -1.86
C ASN C 211 31.45 -1.16 -3.00
N TYR C 212 30.15 -1.12 -2.70
CA TYR C 212 29.17 -1.52 -3.70
C TYR C 212 28.19 -0.40 -4.03
N VAL C 213 28.37 0.76 -3.40
CA VAL C 213 27.46 1.90 -3.63
C VAL C 213 27.30 2.19 -5.13
N SER C 214 28.41 2.24 -5.85
CA SER C 214 28.34 2.42 -7.29
C SER C 214 27.60 1.31 -8.03
N TRP C 215 27.84 0.07 -7.62
CA TRP C 215 27.15 -1.04 -8.28
C TRP C 215 25.65 -1.00 -8.02
N ILE C 216 25.29 -0.64 -6.80
CA ILE C 216 23.90 -0.60 -6.39
C ILE C 216 23.15 0.46 -7.19
N LYS C 217 23.74 1.64 -7.26
CA LYS C 217 23.09 2.78 -7.90
C LYS C 217 22.88 2.57 -9.39
N GLN C 218 23.85 1.94 -10.05
CA GLN C 218 23.70 1.65 -11.46
C GLN C 218 22.77 0.47 -11.72
N THR C 219 22.72 -0.48 -10.80
CA THR C 219 21.89 -1.64 -11.01
C THR C 219 20.43 -1.24 -10.93
N ILE C 220 20.14 -0.38 -9.97
CA ILE C 220 18.80 0.18 -9.83
C ILE C 220 18.47 0.93 -11.12
N ALA C 221 19.34 1.85 -11.50
CA ALA C 221 19.13 2.71 -12.66
C ALA C 221 18.91 1.97 -13.98
N SER C 222 19.27 0.70 -14.04
CA SER C 222 19.11 -0.08 -15.27
C SER C 222 18.05 -1.16 -15.13
N ASN C 223 17.31 -1.16 -14.02
CA ASN C 223 16.34 -2.21 -13.76
C ASN C 223 15.02 -1.69 -13.16
N CYS D 4 -12.27 3.79 -20.11
CA CYS D 4 -11.54 2.56 -19.78
C CYS D 4 -10.90 2.64 -18.39
N SER D 5 -10.75 1.49 -17.75
CA SER D 5 -10.24 1.46 -16.38
C SER D 5 -8.71 1.29 -16.36
N PRO D 6 -8.05 2.07 -15.49
CA PRO D 6 -6.60 2.07 -15.30
C PRO D 6 -6.08 0.76 -14.75
N SER D 7 -4.77 0.53 -14.84
CA SER D 7 -4.14 -0.66 -14.27
C SER D 7 -4.42 -0.79 -12.78
N GLY D 8 -4.82 -1.99 -12.37
CA GLY D 8 -5.10 -2.23 -10.97
C GLY D 8 -6.56 -2.08 -10.61
N ALA D 9 -7.35 -1.51 -11.52
CA ALA D 9 -8.77 -1.31 -11.24
C ALA D 9 -9.47 -2.66 -11.22
N ILE D 10 -10.56 -2.75 -10.48
CA ILE D 10 -11.43 -3.91 -10.56
C ILE D 10 -12.05 -4.01 -11.95
N CYS D 11 -12.17 -5.23 -12.45
CA CYS D 11 -12.89 -5.47 -13.68
C CYS D 11 -13.59 -6.82 -13.62
N SER D 12 -14.17 -7.22 -14.75
CA SER D 12 -15.02 -8.40 -14.81
C SER D 12 -14.47 -9.48 -15.68
N GLY D 13 -14.43 -10.70 -15.15
CA GLY D 13 -14.10 -11.85 -15.96
C GLY D 13 -15.09 -12.12 -17.10
N PHE D 14 -16.27 -11.50 -17.05
CA PHE D 14 -17.29 -11.69 -18.09
C PHE D 14 -17.18 -10.66 -19.21
N GLY D 15 -16.41 -9.61 -19.00
CA GLY D 15 -16.44 -8.47 -19.90
C GLY D 15 -15.33 -8.53 -20.94
N PRO D 16 -15.40 -7.63 -21.92
CA PRO D 16 -14.39 -7.64 -22.99
C PRO D 16 -13.06 -7.02 -22.55
N PRO D 17 -11.96 -7.34 -23.26
CA PRO D 17 -10.65 -6.75 -22.95
C PRO D 17 -10.69 -5.22 -22.85
N GLU D 18 -11.55 -4.57 -23.63
CA GLU D 18 -11.58 -3.10 -23.62
C GLU D 18 -12.16 -2.46 -22.35
N GLN D 19 -12.59 -3.28 -21.38
CA GLN D 19 -12.86 -2.75 -20.04
C GLN D 19 -11.69 -1.97 -19.50
N CYS D 20 -10.49 -2.44 -19.84
CA CYS D 20 -9.25 -1.98 -19.25
C CYS D 20 -8.46 -1.21 -20.29
N CYS D 21 -7.87 -0.09 -19.87
CA CYS D 21 -7.02 0.69 -20.77
C CYS D 21 -5.94 -0.22 -21.38
N SER D 22 -5.43 -1.16 -20.58
CA SER D 22 -4.34 -2.05 -20.97
C SER D 22 -4.78 -3.20 -21.88
N GLY D 23 -6.08 -3.43 -21.97
CA GLY D 23 -6.61 -4.44 -22.84
C GLY D 23 -6.52 -5.83 -22.26
N ALA D 24 -6.20 -5.92 -20.96
CA ALA D 24 -6.19 -7.22 -20.28
C ALA D 24 -6.83 -7.13 -18.90
N CYS D 25 -7.87 -7.93 -18.71
CA CYS D 25 -8.52 -8.06 -17.41
C CYS D 25 -8.19 -9.46 -16.92
N VAL D 26 -7.47 -9.54 -15.82
CA VAL D 26 -6.87 -10.82 -15.41
C VAL D 26 -7.21 -11.16 -13.97
N PRO D 27 -7.17 -12.44 -13.62
CA PRO D 27 -7.45 -12.74 -12.21
C PRO D 27 -6.34 -12.19 -11.33
N HIS D 28 -6.73 -11.55 -10.24
CA HIS D 28 -5.78 -11.15 -9.22
C HIS D 28 -5.18 -12.41 -8.61
N PRO D 29 -3.87 -12.35 -8.26
CA PRO D 29 -3.23 -13.54 -7.70
C PRO D 29 -3.68 -13.88 -6.27
N ILE D 30 -4.26 -12.90 -5.58
CA ILE D 30 -4.59 -13.05 -4.16
C ILE D 30 -6.04 -12.77 -3.83
N LEU D 31 -6.49 -11.58 -4.19
CA LEU D 31 -7.89 -11.21 -4.02
C LEU D 31 -8.75 -11.98 -5.02
N ARG D 32 -9.99 -12.29 -4.64
CA ARG D 32 -10.79 -13.11 -5.52
C ARG D 32 -11.64 -12.28 -6.50
N ILE D 33 -10.96 -11.31 -7.12
CA ILE D 33 -11.56 -10.48 -8.14
C ILE D 33 -10.66 -10.52 -9.35
N PHE D 34 -11.16 -10.02 -10.47
CA PHE D 34 -10.35 -9.71 -11.64
C PHE D 34 -9.91 -8.25 -11.55
N VAL D 35 -8.72 -7.96 -12.08
CA VAL D 35 -8.20 -6.58 -12.14
C VAL D 35 -7.60 -6.29 -13.49
N CYS D 36 -7.50 -5.01 -13.82
CA CYS D 36 -6.85 -4.62 -15.06
C CYS D 36 -5.36 -4.75 -14.92
N GLN D 37 -4.76 -5.41 -15.90
CA GLN D 37 -3.31 -5.49 -16.01
C GLN D 37 -2.71 -4.08 -16.10
N CYS E 4 11.68 41.29 -11.75
CA CYS E 4 10.35 41.51 -11.22
C CYS E 4 9.30 40.82 -12.10
N SER E 5 8.23 40.32 -11.50
CA SER E 5 7.21 39.63 -12.28
C SER E 5 6.21 40.61 -12.86
N PRO E 6 5.66 40.31 -14.04
CA PRO E 6 4.70 41.20 -14.69
C PRO E 6 3.29 41.09 -14.12
N SER E 7 2.43 42.03 -14.50
CA SER E 7 1.04 42.00 -14.04
C SER E 7 0.34 40.72 -14.47
N GLY E 8 -0.45 40.16 -13.58
CA GLY E 8 -1.18 38.93 -13.86
C GLY E 8 -0.41 37.65 -13.58
N ALA E 9 0.93 37.74 -13.54
CA ALA E 9 1.79 36.60 -13.22
C ALA E 9 1.65 36.13 -11.77
N ILE E 10 1.78 34.82 -11.57
N ILE E 10 1.78 34.82 -11.56
CA ILE E 10 1.64 34.24 -10.24
CA ILE E 10 1.66 34.26 -10.22
C ILE E 10 2.71 34.74 -9.25
C ILE E 10 2.70 34.81 -9.27
N CYS E 11 2.30 34.99 -8.02
CA CYS E 11 3.20 35.48 -6.99
C CYS E 11 2.79 34.89 -5.66
N SER E 12 3.50 35.24 -4.60
CA SER E 12 3.24 34.65 -3.29
C SER E 12 2.62 35.65 -2.33
N GLY E 13 1.53 35.26 -1.65
CA GLY E 13 0.92 36.16 -0.67
C GLY E 13 1.84 36.39 0.54
N PHE E 14 2.67 35.39 0.85
CA PHE E 14 3.64 35.46 1.94
C PHE E 14 4.82 36.40 1.62
N GLY E 15 4.97 36.77 0.35
CA GLY E 15 6.16 37.46 -0.12
C GLY E 15 6.05 38.97 -0.10
N PRO E 16 7.17 39.66 -0.38
CA PRO E 16 7.21 41.13 -0.40
C PRO E 16 6.63 41.70 -1.70
N PRO E 17 6.08 42.92 -1.65
CA PRO E 17 5.54 43.60 -2.83
C PRO E 17 6.46 43.54 -4.05
N GLU E 18 7.78 43.62 -3.84
CA GLU E 18 8.73 43.72 -4.95
C GLU E 18 8.87 42.47 -5.85
N GLN E 19 8.21 41.36 -5.48
CA GLN E 19 8.14 40.20 -6.38
C GLN E 19 7.62 40.67 -7.71
N CYS E 20 6.68 41.62 -7.62
CA CYS E 20 5.96 42.12 -8.78
C CYS E 20 6.53 43.46 -9.17
N CYS E 21 6.60 43.69 -10.47
CA CYS E 21 7.02 44.98 -11.00
C CYS E 21 6.15 46.06 -10.42
N SER E 22 4.86 45.77 -10.37
CA SER E 22 3.85 46.76 -9.98
C SER E 22 3.90 47.05 -8.50
N GLY E 23 4.60 46.20 -7.76
CA GLY E 23 4.70 46.35 -6.32
C GLY E 23 3.44 45.94 -5.56
N ALA E 24 2.58 45.15 -6.20
CA ALA E 24 1.38 44.63 -5.52
C ALA E 24 1.06 43.19 -5.93
N CYS E 25 1.12 42.27 -4.97
CA CYS E 25 0.76 40.87 -5.16
C CYS E 25 -0.59 40.68 -4.45
N VAL E 26 -1.62 40.31 -5.21
CA VAL E 26 -2.99 40.35 -4.71
C VAL E 26 -3.73 39.04 -5.00
N PRO E 27 -4.73 38.70 -4.16
CA PRO E 27 -5.49 37.46 -4.41
C PRO E 27 -6.26 37.51 -5.73
N HIS E 28 -6.13 36.45 -6.54
CA HIS E 28 -6.93 36.36 -7.74
C HIS E 28 -8.40 36.20 -7.35
N PRO E 29 -9.32 36.81 -8.10
CA PRO E 29 -10.72 36.67 -7.71
C PRO E 29 -11.30 35.28 -7.98
N ILE E 30 -10.67 34.48 -8.86
CA ILE E 30 -11.23 33.18 -9.27
C ILE E 30 -10.29 31.99 -8.97
N LEU E 31 -9.09 32.04 -9.55
CA LEU E 31 -8.03 31.07 -9.26
C LEU E 31 -7.59 31.16 -7.82
N ARG E 32 -7.25 30.03 -7.20
CA ARG E 32 -6.90 30.06 -5.80
C ARG E 32 -5.38 30.31 -5.59
N ILE E 33 -4.88 31.30 -6.33
CA ILE E 33 -3.49 31.77 -6.23
C ILE E 33 -3.52 33.28 -6.05
N PHE E 34 -2.35 33.85 -5.74
CA PHE E 34 -2.16 35.30 -5.80
C PHE E 34 -1.49 35.62 -7.12
N VAL E 35 -1.70 36.84 -7.61
CA VAL E 35 -1.10 37.28 -8.85
C VAL E 35 -0.66 38.73 -8.72
N CYS E 36 0.27 39.14 -9.57
CA CYS E 36 0.75 40.52 -9.56
C CYS E 36 -0.32 41.44 -10.11
N GLN E 37 -0.53 42.57 -9.42
CA GLN E 37 -1.42 43.62 -9.91
C GLN E 37 -0.90 44.17 -11.24
N CYS F 4 9.27 -31.11 -1.19
CA CYS F 4 10.34 -31.03 -0.19
C CYS F 4 11.70 -30.70 -0.79
N SER F 5 12.56 -30.07 0.02
CA SER F 5 13.82 -29.51 -0.46
C SER F 5 15.01 -30.44 -0.35
N PRO F 6 15.90 -30.39 -1.36
CA PRO F 6 17.13 -31.18 -1.39
C PRO F 6 18.06 -30.85 -0.23
N SER F 7 19.07 -31.70 -0.01
CA SER F 7 20.05 -31.45 1.01
C SER F 7 20.84 -30.22 0.60
N GLY F 8 21.17 -29.36 1.56
CA GLY F 8 21.92 -28.13 1.28
C GLY F 8 21.10 -26.90 0.88
N ALA F 9 19.84 -27.11 0.52
CA ALA F 9 18.95 -26.02 0.11
C ALA F 9 18.61 -25.14 1.31
N ILE F 10 18.38 -23.85 1.04
CA ILE F 10 17.91 -22.91 2.05
C ILE F 10 16.63 -23.43 2.70
N CYS F 11 16.55 -23.35 4.02
CA CYS F 11 15.28 -23.59 4.70
C CYS F 11 15.09 -22.60 5.83
N SER F 12 14.00 -22.74 6.58
CA SER F 12 13.65 -21.84 7.67
C SER F 12 13.69 -22.48 9.05
N GLY F 13 14.38 -21.80 9.98
CA GLY F 13 14.38 -22.20 11.38
C GLY F 13 12.99 -22.15 11.97
N PHE F 14 12.11 -21.34 11.38
CA PHE F 14 10.76 -21.25 11.90
C PHE F 14 9.88 -22.37 11.34
N GLY F 15 10.30 -22.95 10.21
CA GLY F 15 9.46 -23.87 9.45
C GLY F 15 9.40 -25.28 10.01
N PRO F 16 8.50 -26.10 9.48
CA PRO F 16 8.39 -27.49 9.95
C PRO F 16 9.44 -28.40 9.32
N PRO F 17 9.78 -29.51 10.02
CA PRO F 17 10.75 -30.51 9.55
C PRO F 17 10.55 -30.97 8.11
N GLU F 18 9.31 -31.10 7.67
N GLU F 18 9.30 -31.14 7.66
CA GLU F 18 9.03 -31.64 6.34
CA GLU F 18 9.06 -31.65 6.30
C GLU F 18 9.48 -30.73 5.18
C GLU F 18 9.47 -30.71 5.16
N GLN F 19 9.95 -29.52 5.49
CA GLN F 19 10.41 -28.61 4.44
C GLN F 19 11.63 -29.23 3.73
N CYS F 20 12.37 -30.05 4.46
CA CYS F 20 13.53 -30.76 3.95
C CYS F 20 13.21 -32.24 3.79
N CYS F 21 13.52 -32.79 2.63
CA CYS F 21 13.42 -34.25 2.44
C CYS F 21 14.09 -35.02 3.59
N SER F 22 15.27 -34.57 4.00
CA SER F 22 16.00 -35.18 5.11
C SER F 22 15.32 -35.05 6.46
N GLY F 23 14.29 -34.21 6.56
CA GLY F 23 13.61 -34.04 7.83
C GLY F 23 14.27 -33.13 8.84
N ALA F 24 15.40 -32.54 8.46
CA ALA F 24 16.20 -31.78 9.40
C ALA F 24 16.64 -30.48 8.77
N CYS F 25 16.17 -29.36 9.31
N CYS F 25 16.32 -29.40 9.44
CA CYS F 25 16.59 -28.05 8.83
CA CYS F 25 16.64 -28.11 8.90
C CYS F 25 17.52 -27.48 9.91
C CYS F 25 17.52 -27.38 9.90
N VAL F 26 18.81 -27.36 9.58
CA VAL F 26 19.83 -27.06 10.57
C VAL F 26 20.61 -25.79 10.24
N PRO F 27 21.19 -25.15 11.26
CA PRO F 27 22.07 -23.99 11.04
C PRO F 27 23.23 -24.38 10.14
N HIS F 28 23.50 -23.60 9.10
CA HIS F 28 24.72 -23.78 8.34
C HIS F 28 25.87 -23.48 9.31
N PRO F 29 26.99 -24.21 9.16
CA PRO F 29 28.12 -23.99 10.06
C PRO F 29 28.84 -22.67 9.80
N ILE F 30 28.70 -22.13 8.59
CA ILE F 30 29.45 -20.94 8.18
C ILE F 30 28.53 -19.76 7.80
N LEU F 31 27.68 -19.97 6.80
CA LEU F 31 26.69 -18.97 6.39
C LEU F 31 25.65 -18.81 7.48
N ARG F 32 25.10 -17.60 7.64
CA ARG F 32 24.17 -17.39 8.73
C ARG F 32 22.72 -17.64 8.31
N ILE F 33 22.53 -18.78 7.61
CA ILE F 33 21.20 -19.24 7.20
C ILE F 33 21.05 -20.65 7.70
N PHE F 34 19.81 -21.12 7.69
CA PHE F 34 19.52 -22.54 7.90
C PHE F 34 19.51 -23.22 6.55
N VAL F 35 19.98 -24.46 6.53
CA VAL F 35 19.92 -25.28 5.32
C VAL F 35 19.41 -26.69 5.64
N CYS F 36 18.95 -27.39 4.62
CA CYS F 36 18.48 -28.75 4.83
C CYS F 36 19.68 -29.68 5.06
N GLN F 37 19.58 -30.46 6.13
CA GLN F 37 20.55 -31.52 6.43
C GLN F 37 20.37 -32.71 5.50
C1 GOL G . -20.87 2.43 -5.64
C1 GOL G . -21.98 3.10 -6.20
O1 GOL G . -19.94 2.86 -4.66
O1 GOL G . -21.11 2.23 -5.51
C2 GOL G . -22.06 3.39 -5.77
C2 GOL G . -22.60 4.21 -5.34
O2 GOL G . -22.71 3.16 -7.00
O2 GOL G . -22.23 4.12 -3.97
C3 GOL G . -21.59 4.84 -5.71
C3 GOL G . -22.27 5.59 -5.89
O3 GOL G . -21.78 5.47 -6.96
O3 GOL G . -21.75 5.52 -7.22
C1 GOL H . -24.76 -24.73 5.90
O1 GOL H . -24.57 -24.74 7.29
C2 GOL H . -25.66 -23.58 5.47
O2 GOL H . -26.07 -23.84 4.14
C3 GOL H . -26.91 -23.59 6.34
O3 GOL H . -27.55 -22.34 6.22
C1 GOL I . -13.03 -31.78 6.86
O1 GOL I . -12.54 -30.55 7.42
C2 GOL I . -13.96 -31.59 5.67
O2 GOL I . -13.46 -32.21 4.52
C3 GOL I . -15.41 -32.03 5.95
O3 GOL I . -16.32 -31.67 4.92
C1 GOL J . -13.29 -5.95 15.52
O1 GOL J . -12.29 -6.96 15.42
C2 GOL J . -13.32 -5.11 14.25
O2 GOL J . -11.98 -4.91 13.89
C3 GOL J . -14.03 -3.76 14.50
O3 GOL J . -15.38 -3.67 14.03
CL CL K . -26.34 -9.83 -14.44
CL CL L . -5.41 -3.38 11.04
N1 IMD M . -22.47 -9.53 -15.99
C2 IMD M . -22.24 -10.80 -16.38
N3 IMD M . -23.05 -11.09 -17.41
C4 IMD M . -23.80 -9.99 -17.68
C5 IMD M . -23.43 -9.00 -16.77
N1 IMD N . -1.87 -9.75 1.63
C2 IMD N . -1.90 -9.62 2.97
N3 IMD N . -2.19 -10.83 3.52
C4 IMD N . -2.35 -11.72 2.52
C5 IMD N . -2.15 -11.04 1.32
CA CA O . -30.35 -13.34 -15.11
C1 GOL P . -16.71 32.31 -11.68
C1 GOL P . -16.63 32.38 -11.54
O1 GOL P . -17.93 31.70 -11.38
O1 GOL P . -17.88 31.74 -11.49
C2 GOL P . -16.93 33.35 -12.78
C2 GOL P . -16.75 33.67 -12.34
O2 GOL P . -15.72 33.53 -13.48
O2 GOL P . -17.40 33.40 -13.56
C3 GOL P . -17.41 34.66 -12.16
C3 GOL P . -17.58 34.68 -11.55
O3 GOL P . -16.95 34.74 -10.83
O3 GOL P . -17.03 34.85 -10.26
N1 IMD Q . 10.02 24.41 -13.45
C2 IMD Q . 11.18 24.47 -12.74
N3 IMD Q . 12.22 24.56 -13.61
C4 IMD Q . 11.72 24.57 -14.86
C5 IMD Q . 10.34 24.47 -14.77
N1 IMD R . 7.28 31.30 4.09
C2 IMD R . 6.46 31.07 3.03
N3 IMD R . 7.15 30.43 2.07
C4 IMD R . 8.41 30.25 2.52
C5 IMD R . 8.50 30.81 3.80
N1 IMD S . -13.08 31.00 -16.35
C2 IMD S . -13.62 29.78 -16.57
N3 IMD S . -14.28 29.37 -15.46
C4 IMD S . -14.17 30.34 -14.53
C5 IMD S . -13.42 31.37 -15.09
N1 IMD T . -9.08 32.48 -16.34
C2 IMD T . -10.43 32.51 -16.35
N3 IMD T . -10.87 33.06 -15.19
C4 IMD T . -9.79 33.40 -14.45
C5 IMD T . -8.66 33.03 -15.18
CA CA U . 9.29 24.34 7.77
CA CA V . -25.60 19.88 -3.16
O1 MES W . -1.69 4.83 -24.50
C2 MES W . -0.98 5.54 -23.48
C3 MES W . -1.89 6.47 -22.68
N4 MES W . -2.77 7.28 -23.51
C5 MES W . -3.52 6.54 -24.55
C6 MES W . -2.48 5.70 -25.31
C7 MES W . -3.54 8.24 -22.69
C8 MES W . -3.82 9.52 -23.45
S MES W . -4.84 10.51 -22.57
O1S MES W . -5.89 11.06 -23.46
O2S MES W . -4.10 11.67 -22.01
O3S MES W . -5.49 9.76 -21.46
C1 GOL X . 34.46 -19.45 2.59
O1 GOL X . 34.01 -20.42 3.50
C2 GOL X . 34.93 -18.24 3.40
O2 GOL X . 34.88 -18.69 4.73
C3 GOL X . 36.39 -17.91 3.06
O3 GOL X . 36.65 -16.74 2.29
N1 IMD Y . 8.09 -16.92 9.14
C2 IMD Y . 8.11 -17.31 10.43
N3 IMD Y . 6.83 -17.26 10.88
C4 IMD Y . 6.01 -16.83 9.89
C5 IMD Y . 6.82 -16.60 8.78
CA CA Z . 3.83 -9.73 11.93
#